data_2AKR
#
_entry.id   2AKR
#
_cell.length_a   58.858
_cell.length_b   74.843
_cell.length_c   101.564
_cell.angle_alpha   90.00
_cell.angle_beta   102.10
_cell.angle_gamma   90.00
#
_symmetry.space_group_name_H-M   'P 1 21 1'
#
loop_
_entity.id
_entity.type
_entity.pdbx_description
1 polymer 'T-cell surface glycoprotein CD1d1'
2 polymer Beta-2-microglobulin
3 branched 2-acetamido-2-deoxy-beta-D-glucopyranose-(1-4)-2-acetamido-2-deoxy-beta-D-glucopyranose
4 non-polymer 2-acetamido-2-deoxy-beta-D-glucopyranose
5 non-polymer (15Z)-N-((1S,2R,3E)-2-HYDROXY-1-{[(3-O-SULFO-BETA-D-GALACTOPYRANOSYL)OXY]METHYL}HEPTADEC-3-ENYL)TETRACOS-15-ENAMIDE
6 water water
#
loop_
_entity_poly.entity_id
_entity_poly.type
_entity_poly.pdbx_seq_one_letter_code
_entity_poly.pdbx_strand_id
1 'polypeptide(L)'
;SEAQQKNYTFRCLQMSSFANRSWSRTDSVVWLGDLQTHRWSNDSATISFTKPWSQGKLSNQQWEKLQHMFQVYRVSFTRD
IQELVKMMSPKEDYPIEIQLSAGCEMYPGNASESFLHVAFQGKYVVRFWGTSWQTVPGAPSWLDLPIKVLNADQGTSATV
QMLLNDTCPLFVRGLLEAGKSDLEKQEKPVAWLSSVPSSAHGHRQLVCHVSGFYPKPVWVMWMRGDQEQQGTHRGDFLPN
ADETWYLQATLDVEAGEEAGLACRVKHSSLGGQDIILYWHHHHHH
;
A,C
2 'polypeptide(L)'
;IQKTPQIQVYSRHPPENGKPNILNCYVTQFHPPHIEIQMLKNGKKIPKVEMSDMSFSKDWSFYILAHTEFTPTETDTYAC
RVKHASMAEPKTVYWDRDM
;
B,D
#
loop_
_chem_comp.id
_chem_comp.type
_chem_comp.name
_chem_comp.formula
CIS non-polymer (15Z)-N-((1S,2R,3E)-2-HYDROXY-1-{[(3-O-SULFO-BETA-D-GALACTOPYRANOSYL)OXY]METHYL}HEPTADEC-3-ENYL)TETRACOS-15-ENAMIDE 'C48 H91 N O11 S'
NAG D-saccharide, beta linking 2-acetamido-2-deoxy-beta-D-glucopyranose 'C8 H15 N O6'
#
# COMPACT_ATOMS: atom_id res chain seq x y z
N ASN A 7 -13.39 -28.80 5.34
CA ASN A 7 -13.15 -27.37 5.79
C ASN A 7 -13.64 -26.33 4.77
N TYR A 8 -14.69 -26.70 4.07
CA TYR A 8 -15.20 -25.97 2.95
C TYR A 8 -16.53 -25.32 3.34
N THR A 9 -16.82 -24.16 2.76
CA THR A 9 -18.11 -23.54 2.94
C THR A 9 -18.90 -23.78 1.69
N PHE A 10 -20.11 -24.25 1.86
CA PHE A 10 -21.03 -24.49 0.75
C PHE A 10 -22.03 -23.34 0.76
N ARG A 11 -22.11 -22.58 -0.35
CA ARG A 11 -22.96 -21.38 -0.44
C ARG A 11 -24.01 -21.48 -1.54
N CYS A 12 -25.30 -21.37 -1.17
CA CYS A 12 -26.39 -21.26 -2.12
C CYS A 12 -26.73 -19.79 -2.13
N LEU A 13 -26.44 -19.13 -3.25
CA LEU A 13 -26.55 -17.67 -3.41
C LEU A 13 -27.70 -17.42 -4.37
N GLN A 14 -28.77 -16.82 -3.81
CA GLN A 14 -29.96 -16.51 -4.55
C GLN A 14 -30.04 -14.98 -4.77
N MET A 15 -30.40 -14.59 -5.98
CA MET A 15 -30.48 -13.18 -6.35
C MET A 15 -31.87 -12.96 -6.95
N SER A 16 -32.71 -12.19 -6.26
CA SER A 16 -34.09 -11.94 -6.77
C SER A 16 -34.35 -10.49 -7.02
N SER A 17 -34.82 -10.17 -8.22
CA SER A 17 -35.14 -8.81 -8.57
C SER A 17 -36.60 -8.66 -8.91
N PHE A 18 -37.23 -7.63 -8.31
CA PHE A 18 -38.65 -7.33 -8.49
C PHE A 18 -38.73 -5.91 -9.01
N ALA A 19 -39.02 -5.77 -10.29
CA ALA A 19 -39.04 -4.49 -10.95
C ALA A 19 -40.37 -3.79 -10.73
N ASN A 20 -41.45 -4.58 -10.83
CA ASN A 20 -42.81 -4.12 -10.58
C ASN A 20 -43.70 -5.32 -10.22
N ARG A 21 -45.01 -5.09 -10.18
CA ARG A 21 -45.97 -6.17 -9.92
C ARG A 21 -45.95 -7.25 -11.01
N SER A 22 -45.54 -6.88 -12.23
CA SER A 22 -45.54 -7.83 -13.35
C SER A 22 -44.15 -8.26 -13.90
N TRP A 23 -43.11 -8.09 -13.10
CA TRP A 23 -41.76 -8.47 -13.55
C TRP A 23 -40.94 -8.75 -12.33
N SER A 24 -40.49 -10.00 -12.25
CA SER A 24 -39.50 -10.42 -11.29
C SER A 24 -38.66 -11.50 -11.94
N ARG A 25 -37.44 -11.63 -11.43
CA ARG A 25 -36.69 -12.86 -11.72
C ARG A 25 -35.84 -13.26 -10.56
N THR A 26 -35.62 -14.57 -10.45
CA THR A 26 -34.82 -15.16 -9.39
C THR A 26 -33.82 -16.10 -10.04
N ASP A 27 -32.55 -15.85 -9.73
CA ASP A 27 -31.42 -16.60 -10.29
C ASP A 27 -30.51 -16.95 -9.15
N SER A 28 -30.07 -18.21 -9.15
CA SER A 28 -29.20 -18.69 -8.10
C SER A 28 -27.93 -19.34 -8.62
N VAL A 29 -26.91 -19.34 -7.78
CA VAL A 29 -25.68 -20.05 -8.13
C VAL A 29 -25.21 -20.75 -6.85
N VAL A 30 -24.52 -21.88 -6.98
CA VAL A 30 -24.13 -22.59 -5.77
C VAL A 30 -22.63 -22.89 -5.86
N TRP A 31 -21.93 -22.69 -4.74
CA TRP A 31 -20.47 -22.81 -4.63
C TRP A 31 -20.05 -23.79 -3.52
N LEU A 32 -19.07 -24.64 -3.80
CA LEU A 32 -18.36 -25.36 -2.75
C LEU A 32 -16.94 -24.80 -2.72
N GLY A 33 -16.61 -24.03 -1.69
CA GLY A 33 -15.36 -23.32 -1.70
C GLY A 33 -15.44 -22.29 -2.78
N ASP A 34 -14.42 -22.27 -3.65
CA ASP A 34 -14.43 -21.41 -4.83
C ASP A 34 -14.75 -22.13 -6.14
N LEU A 35 -15.35 -23.31 -6.03
CA LEU A 35 -15.78 -24.05 -7.22
C LEU A 35 -17.29 -23.99 -7.30
N GLN A 36 -17.82 -23.63 -8.48
CA GLN A 36 -19.26 -23.58 -8.71
C GLN A 36 -19.83 -24.96 -8.98
N THR A 37 -20.85 -25.34 -8.21
CA THR A 37 -21.46 -26.67 -8.35
C THR A 37 -22.82 -26.66 -9.02
N HIS A 38 -23.56 -25.55 -8.93
CA HIS A 38 -24.91 -25.56 -9.52
C HIS A 38 -25.17 -24.18 -10.05
N ARG A 39 -26.07 -24.11 -11.02
CA ARG A 39 -26.72 -22.83 -11.30
C ARG A 39 -28.22 -23.10 -11.55
N TRP A 40 -29.03 -22.11 -11.24
CA TRP A 40 -30.47 -22.20 -11.52
C TRP A 40 -30.95 -20.84 -12.01
N SER A 41 -31.13 -20.73 -13.31
CA SER A 41 -31.51 -19.48 -13.85
C SER A 41 -33.04 -19.45 -13.89
N ASN A 42 -33.57 -18.24 -13.79
CA ASN A 42 -34.99 -18.01 -13.76
C ASN A 42 -35.72 -18.71 -14.91
N ASP A 43 -35.10 -18.78 -16.06
CA ASP A 43 -35.82 -19.34 -17.20
C ASP A 43 -35.70 -20.85 -17.33
N SER A 44 -35.03 -21.48 -16.37
CA SER A 44 -35.07 -22.94 -16.29
C SER A 44 -36.00 -23.42 -15.17
N ALA A 45 -36.73 -24.49 -15.48
CA ALA A 45 -37.57 -25.17 -14.49
C ALA A 45 -36.72 -25.95 -13.47
N THR A 46 -35.53 -26.34 -13.87
CA THR A 46 -34.70 -27.26 -13.08
C THR A 46 -33.34 -26.67 -12.79
N ILE A 47 -32.75 -27.15 -11.71
CA ILE A 47 -31.38 -26.80 -11.34
C ILE A 47 -30.37 -27.54 -12.21
N SER A 48 -29.36 -26.82 -12.67
CA SER A 48 -28.30 -27.42 -13.49
C SER A 48 -27.07 -27.75 -12.68
N PHE A 49 -26.44 -28.87 -13.04
CA PHE A 49 -25.17 -29.25 -12.42
C PHE A 49 -24.06 -28.59 -13.23
N THR A 50 -23.12 -27.94 -12.56
CA THR A 50 -22.01 -27.38 -13.28
C THR A 50 -20.72 -28.17 -13.09
N LYS A 51 -20.81 -29.30 -12.37
CA LYS A 51 -19.71 -30.25 -12.23
C LYS A 51 -20.26 -31.64 -12.53
N PRO A 52 -19.38 -32.56 -12.92
CA PRO A 52 -19.79 -33.96 -13.03
C PRO A 52 -20.29 -34.50 -11.68
N TRP A 53 -19.84 -33.91 -10.56
CA TRP A 53 -20.13 -34.47 -9.22
C TRP A 53 -21.15 -33.67 -8.42
N SER A 54 -21.91 -32.82 -9.10
CA SER A 54 -22.86 -31.93 -8.43
C SER A 54 -24.07 -32.60 -7.79
N GLN A 55 -24.38 -33.84 -8.20
CA GLN A 55 -25.46 -34.58 -7.52
C GLN A 55 -24.95 -35.17 -6.20
N GLY A 56 -23.64 -35.10 -5.95
CA GLY A 56 -23.05 -35.61 -4.73
C GLY A 56 -23.27 -37.09 -4.62
N LYS A 57 -23.61 -37.55 -3.41
CA LYS A 57 -23.93 -38.94 -3.24
C LYS A 57 -25.45 -39.27 -3.23
N LEU A 58 -26.29 -38.31 -3.64
CA LEU A 58 -27.73 -38.56 -3.78
C LEU A 58 -28.18 -39.44 -4.97
N SER A 59 -29.16 -40.30 -4.74
CA SER A 59 -29.83 -41.00 -5.84
C SER A 59 -30.55 -40.00 -6.74
N ASN A 60 -30.89 -40.45 -7.94
CA ASN A 60 -31.73 -39.67 -8.85
C ASN A 60 -33.01 -39.28 -8.13
N GLN A 61 -33.55 -40.21 -7.34
CA GLN A 61 -34.78 -39.98 -6.59
C GLN A 61 -34.68 -38.98 -5.46
N GLN A 62 -33.64 -39.11 -4.63
CA GLN A 62 -33.40 -38.10 -3.59
C GLN A 62 -33.16 -36.75 -4.18
N TRP A 63 -32.41 -36.69 -5.28
CA TRP A 63 -32.14 -35.38 -5.89
C TRP A 63 -33.43 -34.77 -6.48
N GLU A 64 -34.24 -35.56 -7.16
CA GLU A 64 -35.53 -35.05 -7.62
C GLU A 64 -36.37 -34.47 -6.48
N LYS A 65 -36.47 -35.16 -5.34
CA LYS A 65 -37.28 -34.65 -4.25
C LYS A 65 -36.74 -33.36 -3.70
N LEU A 66 -35.42 -33.23 -3.63
CA LEU A 66 -34.80 -31.98 -3.14
C LEU A 66 -35.03 -30.83 -4.15
N GLN A 67 -34.75 -31.06 -5.43
CA GLN A 67 -35.15 -30.12 -6.48
C GLN A 67 -36.64 -29.72 -6.40
N HIS A 68 -37.55 -30.69 -6.27
CA HIS A 68 -38.97 -30.37 -6.15
C HIS A 68 -39.29 -29.38 -5.05
N MET A 69 -38.68 -29.56 -3.89
CA MET A 69 -38.80 -28.63 -2.77
C MET A 69 -38.34 -27.20 -3.14
N PHE A 70 -37.21 -27.09 -3.83
CA PHE A 70 -36.80 -25.77 -4.33
C PHE A 70 -37.68 -25.17 -5.41
N GLN A 71 -38.25 -26.02 -6.29
CA GLN A 71 -39.18 -25.54 -7.31
C GLN A 71 -40.46 -24.95 -6.71
N VAL A 72 -40.97 -25.62 -5.68
CA VAL A 72 -42.12 -25.11 -4.92
C VAL A 72 -41.74 -23.79 -4.23
N TYR A 73 -40.59 -23.79 -3.57
CA TYR A 73 -40.02 -22.61 -2.91
C TYR A 73 -39.91 -21.38 -3.81
N ARG A 74 -39.35 -21.56 -5.00
CA ARG A 74 -39.10 -20.42 -5.89
C ARG A 74 -40.43 -19.70 -6.19
N VAL A 75 -41.45 -20.45 -6.57
CA VAL A 75 -42.82 -19.93 -6.77
C VAL A 75 -43.41 -19.25 -5.51
N SER A 76 -43.29 -19.91 -4.35
CA SER A 76 -43.87 -19.41 -3.09
C SER A 76 -43.14 -18.17 -2.64
N PHE A 77 -41.81 -18.18 -2.69
CA PHE A 77 -41.00 -17.02 -2.36
C PHE A 77 -41.43 -15.81 -3.18
N THR A 78 -41.56 -15.99 -4.50
CA THR A 78 -42.00 -14.91 -5.41
C THR A 78 -43.35 -14.31 -5.04
N ARG A 79 -44.35 -15.18 -4.91
CA ARG A 79 -45.66 -14.78 -4.41
C ARG A 79 -45.57 -14.09 -3.02
N ASP A 80 -44.90 -14.72 -2.06
CA ASP A 80 -44.85 -14.18 -0.70
C ASP A 80 -44.20 -12.79 -0.61
N ILE A 81 -43.08 -12.60 -1.30
CA ILE A 81 -42.44 -11.27 -1.30
C ILE A 81 -43.38 -10.19 -1.82
N GLN A 82 -44.00 -10.42 -2.97
CA GLN A 82 -44.91 -9.46 -3.54
C GLN A 82 -46.10 -9.14 -2.63
N GLU A 83 -46.63 -10.16 -1.95
CA GLU A 83 -47.72 -9.95 -0.99
C GLU A 83 -47.28 -9.15 0.22
N LEU A 84 -46.10 -9.49 0.76
CA LEU A 84 -45.49 -8.80 1.90
C LEU A 84 -45.22 -7.33 1.60
N VAL A 85 -44.69 -7.07 0.41
CA VAL A 85 -44.44 -5.70 -0.05
C VAL A 85 -45.76 -4.95 -0.18
N LYS A 86 -46.74 -5.58 -0.82
CA LYS A 86 -48.09 -5.01 -0.98
C LYS A 86 -48.70 -4.58 0.37
N MET A 87 -48.55 -5.43 1.39
CA MET A 87 -48.96 -5.10 2.74
C MET A 87 -48.07 -4.14 3.55
N MET A 88 -46.93 -3.71 3.00
CA MET A 88 -45.90 -2.96 3.78
C MET A 88 -45.52 -1.52 3.37
N SER A 89 -44.42 -1.05 3.99
CA SER A 89 -43.91 0.35 3.96
C SER A 89 -42.59 0.49 3.16
N PRO A 90 -42.41 1.61 2.43
CA PRO A 90 -43.43 2.64 2.22
C PRO A 90 -44.49 2.27 1.15
N LYS A 91 -45.48 1.48 1.56
CA LYS A 91 -46.61 0.97 0.73
C LYS A 91 -46.39 0.52 -0.77
N GLU A 92 -45.89 -0.72 -0.95
CA GLU A 92 -45.49 -1.30 -2.27
C GLU A 92 -44.31 -0.54 -2.96
N ASP A 93 -43.07 -0.84 -2.54
CA ASP A 93 -41.92 0.02 -2.86
C ASP A 93 -40.93 -0.53 -3.90
N TYR A 94 -41.44 -0.95 -5.07
CA TYR A 94 -40.59 -1.37 -6.20
C TYR A 94 -39.66 -0.25 -6.70
N PRO A 95 -38.46 -0.57 -7.16
CA PRO A 95 -37.94 -1.93 -7.23
C PRO A 95 -37.43 -2.45 -5.90
N ILE A 96 -37.40 -3.77 -5.83
CA ILE A 96 -36.92 -4.50 -4.67
C ILE A 96 -35.81 -5.43 -5.11
N GLU A 97 -34.72 -5.38 -4.37
CA GLU A 97 -33.62 -6.31 -4.57
C GLU A 97 -33.44 -7.15 -3.34
N ILE A 98 -33.44 -8.45 -3.52
CA ILE A 98 -33.18 -9.35 -2.38
C ILE A 98 -32.05 -10.29 -2.73
N GLN A 99 -31.14 -10.49 -1.77
CA GLN A 99 -30.11 -11.50 -1.90
C GLN A 99 -30.20 -12.43 -0.72
N LEU A 100 -30.03 -13.72 -1.00
CA LEU A 100 -30.08 -14.70 0.07
C LEU A 100 -28.83 -15.56 -0.03
N SER A 101 -28.18 -15.76 1.11
CA SER A 101 -27.00 -16.60 1.21
C SER A 101 -27.24 -17.69 2.23
N ALA A 102 -27.36 -18.93 1.80
CA ALA A 102 -27.62 -20.03 2.73
C ALA A 102 -26.69 -21.22 2.48
N GLY A 103 -26.37 -21.97 3.53
CA GLY A 103 -25.57 -23.18 3.40
C GLY A 103 -24.95 -23.56 4.73
N CYS A 104 -23.81 -24.23 4.65
CA CYS A 104 -23.13 -24.77 5.82
C CYS A 104 -21.65 -24.82 5.62
N GLU A 105 -20.95 -24.65 6.75
CA GLU A 105 -19.50 -24.66 6.84
C GLU A 105 -19.17 -26.00 7.45
N MET A 106 -18.36 -26.78 6.76
CA MET A 106 -17.99 -28.13 7.22
C MET A 106 -16.71 -28.03 8.01
N TYR A 107 -16.66 -28.74 9.12
CA TYR A 107 -15.51 -28.78 9.99
C TYR A 107 -15.30 -30.27 10.24
N PRO A 108 -14.45 -30.92 9.44
CA PRO A 108 -14.14 -32.33 9.65
C PRO A 108 -13.83 -32.62 11.11
N GLY A 109 -14.40 -33.71 11.63
CA GLY A 109 -14.25 -34.07 13.03
C GLY A 109 -15.37 -33.54 13.89
N ASN A 110 -15.86 -32.34 13.59
CA ASN A 110 -16.99 -31.77 14.35
C ASN A 110 -18.26 -31.47 13.57
N ALA A 111 -19.11 -30.67 14.21
CA ALA A 111 -20.42 -30.30 13.67
C ALA A 111 -20.23 -29.18 12.66
N SER A 112 -20.95 -29.31 11.56
CA SER A 112 -21.08 -28.24 10.63
C SER A 112 -21.80 -27.05 11.31
N GLU A 113 -21.58 -25.85 10.79
CA GLU A 113 -22.33 -24.67 11.19
C GLU A 113 -23.11 -24.18 9.97
N SER A 114 -24.40 -23.94 10.14
CA SER A 114 -25.25 -23.48 9.04
C SER A 114 -25.62 -22.00 9.13
N PHE A 115 -26.13 -21.44 8.04
CA PHE A 115 -26.44 -20.01 8.02
C PHE A 115 -27.48 -19.78 6.96
N LEU A 116 -28.29 -18.73 7.18
CA LEU A 116 -29.19 -18.26 6.14
C LEU A 116 -29.29 -16.78 6.41
N HIS A 117 -28.69 -15.98 5.53
CA HIS A 117 -28.66 -14.55 5.67
C HIS A 117 -29.39 -13.93 4.47
N VAL A 118 -30.03 -12.79 4.73
CA VAL A 118 -30.82 -12.13 3.70
C VAL A 118 -30.47 -10.63 3.68
N ALA A 119 -30.22 -10.11 2.48
CA ALA A 119 -30.02 -8.68 2.21
C ALA A 119 -31.23 -8.12 1.47
N PHE A 120 -31.56 -6.87 1.77
CA PHE A 120 -32.73 -6.22 1.15
C PHE A 120 -32.22 -4.85 0.73
N GLN A 121 -32.36 -4.57 -0.56
CA GLN A 121 -31.89 -3.33 -1.18
C GLN A 121 -30.40 -3.17 -0.93
N GLY A 122 -29.70 -4.31 -0.98
CA GLY A 122 -28.27 -4.37 -0.84
C GLY A 122 -27.67 -4.42 0.55
N LYS A 123 -28.51 -4.37 1.59
CA LYS A 123 -28.05 -4.37 2.96
C LYS A 123 -28.51 -5.59 3.73
N TYR A 124 -27.63 -6.16 4.55
CA TYR A 124 -27.97 -7.35 5.35
C TYR A 124 -29.03 -6.93 6.38
N VAL A 125 -30.18 -7.63 6.42
CA VAL A 125 -31.30 -7.24 7.33
C VAL A 125 -31.87 -8.38 8.22
N VAL A 126 -31.78 -9.62 7.72
CA VAL A 126 -32.51 -10.74 8.30
C VAL A 126 -31.65 -12.00 8.26
N ARG A 127 -31.80 -12.85 9.28
CA ARG A 127 -31.25 -14.18 9.27
C ARG A 127 -32.28 -15.13 9.86
N PHE A 128 -32.16 -16.38 9.47
CA PHE A 128 -32.79 -17.46 10.21
C PHE A 128 -31.87 -17.89 11.33
N TRP A 129 -32.38 -17.95 12.56
CA TRP A 129 -31.53 -18.25 13.71
C TRP A 129 -32.22 -19.28 14.65
N GLY A 130 -31.68 -20.50 14.71
CA GLY A 130 -32.23 -21.51 15.62
C GLY A 130 -33.50 -22.09 15.01
N THR A 131 -34.64 -21.46 15.29
CA THR A 131 -35.95 -21.94 14.84
C THR A 131 -36.88 -20.86 14.24
N SER A 132 -36.38 -19.64 14.08
CA SER A 132 -37.20 -18.59 13.52
C SER A 132 -36.39 -17.53 12.78
N TRP A 133 -37.10 -16.64 12.07
CA TRP A 133 -36.44 -15.48 11.44
C TRP A 133 -36.21 -14.37 12.43
N GLN A 134 -35.12 -13.63 12.24
CA GLN A 134 -34.92 -12.40 12.99
C GLN A 134 -34.31 -11.26 12.17
N THR A 135 -34.75 -10.04 12.42
CA THR A 135 -34.09 -8.88 11.85
C THR A 135 -32.85 -8.62 12.69
N VAL A 136 -31.82 -8.07 12.05
CA VAL A 136 -30.49 -7.92 12.62
C VAL A 136 -30.35 -6.46 13.06
N PRO A 137 -29.53 -6.16 14.07
CA PRO A 137 -29.39 -4.76 14.54
C PRO A 137 -29.25 -3.75 13.41
N GLY A 138 -29.98 -2.65 13.49
CA GLY A 138 -29.88 -1.59 12.48
C GLY A 138 -30.72 -1.75 11.21
N ALA A 139 -31.36 -2.91 11.02
CA ALA A 139 -32.32 -3.07 9.90
C ALA A 139 -33.45 -2.05 10.09
N PRO A 140 -34.11 -1.60 9.00
CA PRO A 140 -35.28 -0.73 9.13
C PRO A 140 -36.32 -1.38 10.05
N SER A 141 -36.85 -0.64 11.01
CA SER A 141 -37.69 -1.25 12.04
C SER A 141 -38.95 -1.88 11.47
N TRP A 142 -39.51 -1.31 10.42
CA TRP A 142 -40.72 -1.90 9.83
C TRP A 142 -40.57 -3.35 9.44
N LEU A 143 -39.35 -3.77 9.15
CA LEU A 143 -39.08 -5.16 8.76
C LEU A 143 -39.44 -6.18 9.82
N ASP A 144 -39.53 -5.75 11.09
CA ASP A 144 -40.03 -6.62 12.15
C ASP A 144 -41.39 -7.19 11.81
N LEU A 145 -42.22 -6.42 11.11
CA LEU A 145 -43.56 -6.92 10.82
C LEU A 145 -43.65 -8.09 9.86
N PRO A 146 -43.07 -8.03 8.64
CA PRO A 146 -43.07 -9.22 7.81
C PRO A 146 -42.34 -10.40 8.46
N ILE A 147 -41.35 -10.14 9.32
CA ILE A 147 -40.64 -11.28 9.96
C ILE A 147 -41.57 -12.02 10.94
N LYS A 148 -42.30 -11.27 11.78
CA LYS A 148 -43.36 -11.82 12.65
C LYS A 148 -44.34 -12.67 11.85
N VAL A 149 -44.74 -12.15 10.69
CA VAL A 149 -45.67 -12.88 9.77
C VAL A 149 -45.05 -14.18 9.31
N LEU A 150 -43.82 -14.11 8.83
CA LEU A 150 -43.08 -15.27 8.37
C LEU A 150 -42.92 -16.33 9.45
N ASN A 151 -42.71 -15.88 10.68
CA ASN A 151 -42.58 -16.76 11.83
C ASN A 151 -43.88 -17.46 12.26
N ALA A 152 -45.05 -17.02 11.77
CA ALA A 152 -46.29 -17.76 12.02
C ALA A 152 -46.35 -19.07 11.20
N ASP A 153 -45.48 -19.18 10.21
CA ASP A 153 -45.47 -20.33 9.31
C ASP A 153 -44.59 -21.48 9.87
N GLN A 154 -45.22 -22.36 10.67
CA GLN A 154 -44.52 -23.48 11.36
C GLN A 154 -43.87 -24.46 10.38
N GLY A 155 -44.61 -24.75 9.31
CA GLY A 155 -44.19 -25.62 8.23
C GLY A 155 -42.92 -25.12 7.62
N THR A 156 -42.85 -23.83 7.31
CA THR A 156 -41.65 -23.32 6.71
C THR A 156 -40.46 -23.36 7.69
N SER A 157 -40.73 -23.06 8.96
CA SER A 157 -39.66 -23.09 9.94
C SER A 157 -39.11 -24.53 10.09
N ALA A 158 -40.01 -25.51 10.17
CA ALA A 158 -39.57 -26.92 10.25
C ALA A 158 -38.72 -27.33 9.02
N THR A 159 -39.14 -26.91 7.82
CA THR A 159 -38.42 -27.19 6.57
C THR A 159 -37.05 -26.51 6.51
N VAL A 160 -36.98 -25.27 6.96
CA VAL A 160 -35.70 -24.54 6.97
C VAL A 160 -34.75 -25.20 7.98
N GLN A 161 -35.24 -25.59 9.16
CA GLN A 161 -34.36 -26.25 10.16
C GLN A 161 -33.82 -27.58 9.60
N MET A 162 -34.69 -28.35 8.96
CA MET A 162 -34.29 -29.58 8.31
C MET A 162 -33.19 -29.30 7.30
N LEU A 163 -33.43 -28.35 6.39
CA LEU A 163 -32.47 -28.02 5.31
C LEU A 163 -31.11 -27.58 5.79
N LEU A 164 -31.11 -26.75 6.82
CA LEU A 164 -29.87 -26.21 7.36
C LEU A 164 -29.12 -27.19 8.28
N ASN A 165 -29.86 -27.83 9.17
CA ASN A 165 -29.29 -28.72 10.20
C ASN A 165 -28.93 -30.12 9.69
N ASP A 166 -29.70 -30.63 8.72
CA ASP A 166 -29.60 -32.02 8.30
C ASP A 166 -29.27 -32.11 6.82
N THR A 167 -30.10 -31.49 5.99
CA THR A 167 -29.93 -31.68 4.55
C THR A 167 -28.59 -31.17 4.04
N CYS A 168 -28.23 -29.96 4.46
CA CYS A 168 -27.01 -29.28 4.01
C CYS A 168 -25.74 -30.10 4.35
N PRO A 169 -25.39 -30.38 5.61
CA PRO A 169 -24.17 -31.15 5.88
C PRO A 169 -24.16 -32.58 5.28
N LEU A 170 -25.32 -33.22 5.19
CA LEU A 170 -25.36 -34.56 4.60
C LEU A 170 -25.03 -34.45 3.12
N PHE A 171 -25.65 -33.49 2.44
CA PHE A 171 -25.44 -33.31 1.01
C PHE A 171 -23.97 -32.94 0.72
N VAL A 172 -23.47 -31.98 1.49
CA VAL A 172 -22.09 -31.50 1.34
C VAL A 172 -21.08 -32.61 1.59
N ARG A 173 -21.29 -33.41 2.62
CA ARG A 173 -20.34 -34.51 2.87
C ARG A 173 -20.20 -35.38 1.64
N GLY A 174 -21.31 -35.65 0.97
CA GLY A 174 -21.34 -36.40 -0.28
C GLY A 174 -20.60 -35.67 -1.41
N LEU A 175 -20.92 -34.39 -1.59
CA LEU A 175 -20.19 -33.53 -2.50
C LEU A 175 -18.68 -33.60 -2.32
N LEU A 176 -18.22 -33.45 -1.07
CA LEU A 176 -16.78 -33.46 -0.75
C LEU A 176 -16.11 -34.76 -1.19
N GLU A 177 -16.79 -35.87 -0.96
CA GLU A 177 -16.29 -37.17 -1.35
C GLU A 177 -16.35 -37.32 -2.86
N ALA A 178 -17.46 -36.93 -3.48
CA ALA A 178 -17.63 -37.12 -4.91
C ALA A 178 -16.80 -36.14 -5.75
N GLY A 179 -16.51 -34.95 -5.22
CA GLY A 179 -15.72 -33.94 -5.92
C GLY A 179 -14.26 -33.89 -5.53
N LYS A 180 -13.80 -34.95 -4.86
CA LYS A 180 -12.49 -34.97 -4.22
C LYS A 180 -11.37 -34.60 -5.18
N SER A 181 -11.37 -35.24 -6.35
CA SER A 181 -10.34 -34.97 -7.33
C SER A 181 -10.28 -33.50 -7.79
N ASP A 182 -11.43 -32.82 -7.89
CA ASP A 182 -11.42 -31.41 -8.32
C ASP A 182 -11.03 -30.51 -7.18
N LEU A 183 -11.52 -30.83 -6.02
CA LEU A 183 -11.26 -30.03 -4.85
C LEU A 183 -9.77 -30.06 -4.55
N GLU A 184 -9.13 -31.20 -4.80
CA GLU A 184 -7.67 -31.33 -4.57
C GLU A 184 -6.79 -31.17 -5.81
N LYS A 185 -7.36 -30.70 -6.92
CA LYS A 185 -6.59 -30.55 -8.17
C LYS A 185 -5.50 -29.52 -7.92
N GLN A 186 -4.36 -29.77 -8.55
CA GLN A 186 -3.29 -28.79 -8.59
C GLN A 186 -3.14 -28.32 -10.02
N GLU A 187 -3.18 -27.01 -10.18
CA GLU A 187 -2.90 -26.42 -11.45
C GLU A 187 -1.74 -25.45 -11.27
N LYS A 188 -0.80 -25.46 -12.22
CA LYS A 188 0.41 -24.65 -12.10
C LYS A 188 0.31 -23.17 -12.52
N PRO A 189 0.87 -22.26 -11.73
CA PRO A 189 1.01 -20.87 -12.17
C PRO A 189 1.96 -20.77 -13.39
N VAL A 190 1.66 -19.84 -14.28
CA VAL A 190 2.60 -19.38 -15.30
C VAL A 190 2.78 -17.90 -15.05
N ALA A 191 4.01 -17.39 -15.13
CA ALA A 191 4.25 -15.99 -14.76
C ALA A 191 4.89 -15.24 -15.92
N TRP A 192 4.70 -13.92 -15.97
CA TRP A 192 5.35 -13.09 -16.94
C TRP A 192 5.55 -11.71 -16.35
N LEU A 193 6.51 -10.96 -16.87
CA LEU A 193 6.87 -9.61 -16.35
C LEU A 193 6.48 -8.49 -17.33
N SER A 194 6.10 -7.34 -16.77
CA SER A 194 5.97 -6.09 -17.51
C SER A 194 6.35 -4.91 -16.65
N SER A 195 6.40 -3.73 -17.25
CA SER A 195 6.57 -2.53 -16.46
C SER A 195 5.97 -1.35 -17.15
N VAL A 196 5.60 -0.39 -16.30
CA VAL A 196 5.15 0.94 -16.71
C VAL A 196 6.02 2.02 -16.03
N PRO A 197 6.54 2.95 -16.82
CA PRO A 197 7.34 4.07 -16.30
C PRO A 197 6.49 5.28 -15.90
N GLY A 202 12.41 9.70 -12.16
CA GLY A 202 12.49 8.54 -13.04
C GLY A 202 12.27 7.26 -12.28
N HIS A 203 11.02 6.81 -12.27
CA HIS A 203 10.63 5.60 -11.56
C HIS A 203 9.87 4.69 -12.52
N ARG A 204 9.81 3.40 -12.18
CA ARG A 204 8.98 2.46 -12.89
C ARG A 204 8.38 1.48 -11.90
N GLN A 205 7.25 0.93 -12.31
CA GLN A 205 6.59 -0.06 -11.54
C GLN A 205 6.80 -1.36 -12.31
N LEU A 206 7.56 -2.29 -11.73
CA LEU A 206 7.63 -3.67 -12.27
C LEU A 206 6.42 -4.48 -11.88
N VAL A 207 5.94 -5.32 -12.79
CA VAL A 207 4.74 -6.08 -12.50
C VAL A 207 5.00 -7.53 -12.88
N CYS A 208 4.70 -8.43 -11.95
CA CYS A 208 4.79 -9.84 -12.14
C CYS A 208 3.36 -10.38 -12.21
N HIS A 209 2.98 -10.89 -13.37
CA HIS A 209 1.65 -11.44 -13.57
C HIS A 209 1.71 -12.94 -13.42
N VAL A 210 0.78 -13.51 -12.61
CA VAL A 210 0.80 -14.94 -12.28
C VAL A 210 -0.59 -15.49 -12.55
N SER A 211 -0.69 -16.45 -13.47
CA SER A 211 -2.00 -16.95 -13.86
C SER A 211 -2.07 -18.47 -14.00
N GLY A 212 -3.25 -19.01 -13.73
CA GLY A 212 -3.58 -20.39 -13.95
C GLY A 212 -3.37 -21.32 -12.76
N PHE A 213 -3.10 -20.77 -11.60
CA PHE A 213 -2.88 -21.61 -10.43
C PHE A 213 -4.18 -22.01 -9.70
N TYR A 214 -4.12 -23.18 -9.10
CA TYR A 214 -5.21 -23.70 -8.26
C TYR A 214 -4.56 -24.76 -7.38
N PRO A 215 -4.84 -24.75 -6.08
CA PRO A 215 -5.84 -23.86 -5.46
C PRO A 215 -5.30 -22.48 -5.21
N LYS A 216 -6.12 -21.67 -4.55
CA LYS A 216 -5.86 -20.26 -4.33
C LYS A 216 -4.59 -19.86 -3.61
N PRO A 217 -4.23 -20.50 -2.50
CA PRO A 217 -3.03 -20.02 -1.79
C PRO A 217 -1.80 -19.96 -2.71
N VAL A 218 -1.15 -18.79 -2.77
CA VAL A 218 0.11 -18.60 -3.51
C VAL A 218 1.03 -17.65 -2.72
N TRP A 219 2.28 -17.60 -3.14
CA TRP A 219 3.28 -16.70 -2.59
C TRP A 219 3.99 -16.11 -3.80
N VAL A 220 4.03 -14.78 -3.89
CA VAL A 220 4.68 -14.08 -4.99
C VAL A 220 5.48 -12.91 -4.43
N MET A 221 6.78 -12.85 -4.70
CA MET A 221 7.59 -11.74 -4.21
C MET A 221 8.57 -11.34 -5.28
N TRP A 222 8.81 -10.04 -5.44
CA TRP A 222 10.02 -9.57 -6.10
C TRP A 222 11.21 -9.82 -5.17
N MET A 223 12.36 -10.23 -5.74
CA MET A 223 13.52 -10.70 -4.99
C MET A 223 14.75 -10.04 -5.61
N ARG A 224 15.78 -9.83 -4.81
CA ARG A 224 17.09 -9.56 -5.37
C ARG A 224 18.00 -10.65 -4.77
N GLY A 225 18.29 -11.65 -5.59
CA GLY A 225 19.00 -12.82 -5.11
C GLY A 225 18.07 -13.46 -4.08
N ASP A 226 18.59 -13.77 -2.93
CA ASP A 226 17.69 -14.34 -1.92
C ASP A 226 16.99 -13.29 -1.02
N GLN A 227 17.18 -11.98 -1.30
CA GLN A 227 16.61 -10.93 -0.43
C GLN A 227 15.22 -10.60 -0.91
N GLU A 228 14.22 -10.82 -0.08
CA GLU A 228 12.84 -10.39 -0.39
C GLU A 228 12.72 -8.84 -0.46
N GLN A 229 12.07 -8.35 -1.51
CA GLN A 229 11.70 -6.92 -1.66
C GLN A 229 10.35 -6.73 -1.01
N GLN A 230 10.35 -6.29 0.25
CA GLN A 230 9.11 -6.35 1.00
C GLN A 230 8.09 -5.29 0.56
N GLY A 231 8.54 -4.34 -0.26
CA GLY A 231 7.63 -3.33 -0.84
C GLY A 231 6.77 -3.96 -1.94
N THR A 232 6.95 -5.24 -2.19
CA THR A 232 6.08 -5.93 -3.17
C THR A 232 4.59 -5.81 -2.75
N HIS A 233 3.69 -5.46 -3.70
CA HIS A 233 2.25 -5.26 -3.39
C HIS A 233 1.51 -6.27 -4.23
N ARG A 234 0.68 -7.09 -3.61
CA ARG A 234 -0.06 -8.09 -4.36
C ARG A 234 -1.45 -7.53 -4.62
N GLY A 235 -1.99 -7.77 -5.81
CA GLY A 235 -3.28 -7.21 -6.11
C GLY A 235 -4.33 -8.16 -5.57
N ASP A 236 -5.56 -8.01 -6.02
CA ASP A 236 -6.67 -8.91 -5.62
C ASP A 236 -6.51 -10.20 -6.42
N PHE A 237 -7.02 -11.32 -5.92
CA PHE A 237 -7.14 -12.54 -6.74
C PHE A 237 -8.30 -12.40 -7.73
N LEU A 238 -8.05 -12.68 -9.02
CA LEU A 238 -9.01 -12.40 -10.06
C LEU A 238 -9.25 -13.78 -10.69
N PRO A 239 -10.50 -14.12 -11.01
CA PRO A 239 -10.81 -15.45 -11.54
C PRO A 239 -10.51 -15.59 -13.03
N ASN A 240 -10.05 -16.77 -13.43
CA ASN A 240 -10.01 -17.15 -14.81
C ASN A 240 -11.26 -17.95 -15.10
N ALA A 241 -11.63 -18.04 -16.38
CA ALA A 241 -12.86 -18.68 -16.75
C ALA A 241 -12.86 -20.13 -16.31
N ASP A 242 -11.70 -20.76 -16.33
CA ASP A 242 -11.60 -22.20 -16.01
C ASP A 242 -11.47 -22.45 -14.49
N GLU A 243 -11.89 -21.48 -13.68
CA GLU A 243 -11.81 -21.60 -12.22
C GLU A 243 -10.40 -21.76 -11.68
N THR A 244 -9.37 -21.36 -12.44
CA THR A 244 -8.05 -21.08 -11.81
C THR A 244 -7.97 -19.62 -11.45
N TRP A 245 -6.86 -19.19 -10.84
CA TRP A 245 -6.73 -17.83 -10.40
C TRP A 245 -5.63 -17.04 -11.10
N TYR A 246 -5.74 -15.69 -11.04
CA TYR A 246 -4.78 -14.71 -11.51
C TYR A 246 -4.44 -13.77 -10.35
N LEU A 247 -3.16 -13.42 -10.20
CA LEU A 247 -2.76 -12.39 -9.21
C LEU A 247 -1.60 -11.59 -9.81
N GLN A 248 -1.50 -10.28 -9.55
CA GLN A 248 -0.31 -9.55 -9.99
C GLN A 248 0.37 -9.06 -8.74
N ALA A 249 1.70 -8.91 -8.82
CA ALA A 249 2.52 -8.40 -7.72
C ALA A 249 3.42 -7.31 -8.31
N THR A 250 3.34 -6.11 -7.76
CA THR A 250 4.09 -4.99 -8.28
C THR A 250 5.17 -4.53 -7.30
N LEU A 251 6.23 -3.97 -7.88
CA LEU A 251 7.21 -3.27 -7.11
C LEU A 251 7.61 -1.96 -7.80
N ASP A 252 7.61 -0.90 -7.01
CA ASP A 252 8.05 0.39 -7.47
C ASP A 252 9.55 0.48 -7.30
N VAL A 253 10.23 0.81 -8.37
CA VAL A 253 11.68 0.89 -8.35
C VAL A 253 12.15 2.16 -9.02
N GLU A 254 13.36 2.58 -8.66
CA GLU A 254 14.05 3.65 -9.36
C GLU A 254 14.76 3.17 -10.64
N ALA A 255 14.86 4.06 -11.63
CA ALA A 255 15.65 3.79 -12.82
C ALA A 255 17.00 3.18 -12.45
N GLY A 256 17.35 2.05 -13.05
CA GLY A 256 18.61 1.39 -12.74
C GLY A 256 18.50 0.24 -11.71
N GLU A 257 17.52 0.31 -10.82
CA GLU A 257 17.34 -0.73 -9.80
C GLU A 257 16.81 -2.07 -10.36
N GLU A 258 16.13 -2.03 -11.51
CA GLU A 258 15.54 -3.23 -12.16
C GLU A 258 16.55 -4.34 -12.36
N ALA A 259 17.73 -4.00 -12.87
CA ALA A 259 18.80 -4.97 -13.11
C ALA A 259 19.07 -5.78 -11.86
N GLY A 260 18.89 -7.10 -11.97
CA GLY A 260 19.18 -8.02 -10.84
C GLY A 260 17.98 -8.39 -9.96
N LEU A 261 16.80 -7.86 -10.28
CA LEU A 261 15.56 -8.26 -9.61
C LEU A 261 14.85 -9.39 -10.36
N ALA A 262 14.08 -10.18 -9.62
CA ALA A 262 13.33 -11.30 -10.22
C ALA A 262 12.02 -11.42 -9.50
N CYS A 263 11.06 -11.99 -10.21
CA CYS A 263 9.80 -12.37 -9.57
C CYS A 263 9.92 -13.85 -9.18
N ARG A 264 9.57 -14.16 -7.94
CA ARG A 264 9.59 -15.57 -7.53
C ARG A 264 8.23 -16.01 -7.09
N VAL A 265 7.78 -17.16 -7.59
CA VAL A 265 6.48 -17.68 -7.15
C VAL A 265 6.56 -19.08 -6.57
N LYS A 266 5.91 -19.28 -5.41
CA LYS A 266 5.84 -20.61 -4.80
C LYS A 266 4.35 -21.00 -4.83
N HIS A 267 4.08 -22.25 -5.12
CA HIS A 267 2.72 -22.72 -5.12
C HIS A 267 2.79 -24.20 -4.90
N SER A 268 1.75 -24.76 -4.25
CA SER A 268 1.65 -26.19 -3.96
C SER A 268 1.90 -27.09 -5.18
N SER A 269 1.46 -26.62 -6.37
CA SER A 269 1.49 -27.45 -7.59
C SER A 269 2.88 -27.65 -8.16
N LEU A 270 3.82 -26.78 -7.77
CA LEU A 270 5.14 -26.74 -8.37
C LEU A 270 6.07 -27.81 -7.79
N GLY A 271 5.66 -28.37 -6.65
CA GLY A 271 6.43 -29.39 -5.98
C GLY A 271 7.73 -28.88 -5.42
N GLY A 272 7.73 -27.64 -4.96
CA GLY A 272 8.94 -27.04 -4.45
C GLY A 272 9.84 -26.46 -5.52
N GLN A 273 9.49 -26.59 -6.80
CA GLN A 273 10.29 -25.96 -7.86
C GLN A 273 9.80 -24.56 -8.21
N ASP A 274 10.24 -23.55 -7.47
CA ASP A 274 9.67 -22.19 -7.66
C ASP A 274 9.90 -21.70 -9.06
N ILE A 275 8.99 -20.87 -9.55
CA ILE A 275 9.21 -20.05 -10.74
C ILE A 275 10.11 -18.89 -10.30
N ILE A 276 11.23 -18.68 -10.98
CA ILE A 276 12.05 -17.45 -10.75
C ILE A 276 12.29 -16.83 -12.13
N LEU A 277 11.76 -15.63 -12.36
CA LEU A 277 11.88 -14.92 -13.62
C LEU A 277 12.63 -13.62 -13.38
N TYR A 278 13.77 -13.46 -14.01
CA TYR A 278 14.65 -12.31 -13.77
C TYR A 278 14.34 -11.26 -14.77
N TRP A 279 14.18 -10.04 -14.28
CA TRP A 279 13.91 -8.90 -15.15
C TRP A 279 15.03 -8.75 -16.21
N GLN B 2 -26.97 2.64 -4.55
CA GLN B 2 -26.39 2.32 -5.89
C GLN B 2 -24.86 2.30 -5.82
N LYS B 3 -24.22 1.43 -6.57
CA LYS B 3 -22.77 1.23 -6.52
C LYS B 3 -22.22 1.04 -7.92
N THR B 4 -21.12 1.74 -8.18
CA THR B 4 -20.44 1.80 -9.47
C THR B 4 -19.62 0.54 -9.75
N PRO B 5 -19.74 -0.07 -10.92
CA PRO B 5 -18.90 -1.22 -11.28
C PRO B 5 -17.42 -0.84 -11.35
N GLN B 6 -16.58 -1.77 -10.92
CA GLN B 6 -15.12 -1.66 -11.11
C GLN B 6 -14.76 -2.69 -12.13
N ILE B 7 -13.75 -2.41 -12.96
CA ILE B 7 -13.47 -3.26 -14.12
C ILE B 7 -11.97 -3.54 -14.20
N GLN B 8 -11.62 -4.82 -14.29
CA GLN B 8 -10.24 -5.25 -14.44
C GLN B 8 -10.20 -6.08 -15.74
N VAL B 9 -9.17 -5.85 -16.58
CA VAL B 9 -9.05 -6.54 -17.88
C VAL B 9 -7.65 -7.19 -17.92
N TYR B 10 -7.57 -8.47 -18.26
CA TYR B 10 -6.30 -9.26 -18.04
C TYR B 10 -6.33 -10.54 -18.81
N SER B 11 -5.16 -11.10 -19.07
CA SER B 11 -5.07 -12.26 -19.97
C SER B 11 -4.95 -13.55 -19.19
N ARG B 12 -5.51 -14.61 -19.78
CA ARG B 12 -5.42 -15.92 -19.16
C ARG B 12 -3.98 -16.48 -19.19
N HIS B 13 -3.28 -16.21 -20.30
CA HIS B 13 -1.92 -16.72 -20.57
C HIS B 13 -1.01 -15.52 -20.91
N PRO B 14 0.31 -15.66 -20.85
CA PRO B 14 1.17 -14.51 -21.19
C PRO B 14 0.79 -13.94 -22.54
N PRO B 15 0.49 -12.64 -22.63
CA PRO B 15 0.11 -12.07 -23.92
C PRO B 15 1.35 -12.06 -24.82
N GLU B 16 1.32 -12.85 -25.90
CA GLU B 16 2.33 -12.79 -26.94
C GLU B 16 1.65 -12.37 -28.22
N ASN B 17 2.23 -11.40 -28.93
CA ASN B 17 1.63 -10.93 -30.17
C ASN B 17 1.51 -12.11 -31.16
N GLY B 18 0.36 -12.24 -31.82
CA GLY B 18 0.15 -13.27 -32.82
C GLY B 18 -0.30 -14.61 -32.27
N LYS B 19 -0.27 -14.78 -30.95
CA LYS B 19 -0.70 -16.04 -30.31
C LYS B 19 -2.11 -16.01 -29.68
N PRO B 20 -3.00 -16.92 -30.13
CA PRO B 20 -4.31 -17.08 -29.51
C PRO B 20 -4.24 -17.26 -27.98
N ASN B 21 -5.15 -16.56 -27.30
CA ASN B 21 -5.19 -16.39 -25.84
C ASN B 21 -6.66 -16.11 -25.45
N ILE B 22 -6.88 -15.77 -24.19
CA ILE B 22 -8.21 -15.43 -23.71
C ILE B 22 -8.04 -14.18 -22.89
N LEU B 23 -8.89 -13.19 -23.19
CA LEU B 23 -8.91 -11.92 -22.48
C LEU B 23 -10.11 -11.91 -21.52
N ASN B 24 -9.87 -11.54 -20.26
CA ASN B 24 -10.94 -11.49 -19.26
C ASN B 24 -11.32 -10.05 -18.89
N CYS B 25 -12.61 -9.81 -18.60
CA CYS B 25 -13.08 -8.54 -18.07
C CYS B 25 -13.89 -8.93 -16.83
N TYR B 26 -13.37 -8.62 -15.67
CA TYR B 26 -13.93 -8.93 -14.38
C TYR B 26 -14.58 -7.67 -13.80
N VAL B 27 -15.90 -7.73 -13.63
CA VAL B 27 -16.68 -6.54 -13.23
C VAL B 27 -17.26 -6.78 -11.86
N THR B 28 -16.98 -5.86 -10.91
CA THR B 28 -17.33 -6.09 -9.52
C THR B 28 -17.97 -4.89 -8.87
N GLN B 29 -18.59 -5.13 -7.72
CA GLN B 29 -18.93 -4.08 -6.74
C GLN B 29 -20.12 -3.24 -7.16
N PHE B 30 -20.84 -3.68 -8.18
CA PHE B 30 -21.96 -2.88 -8.66
C PHE B 30 -23.27 -3.24 -7.95
N HIS B 31 -24.19 -2.30 -7.91
CA HIS B 31 -25.53 -2.57 -7.41
C HIS B 31 -26.41 -1.48 -7.96
N PRO B 32 -27.61 -1.81 -8.48
CA PRO B 32 -28.23 -3.16 -8.49
C PRO B 32 -27.62 -4.12 -9.52
N PRO B 33 -28.02 -5.39 -9.54
CA PRO B 33 -27.35 -6.36 -10.41
C PRO B 33 -27.52 -6.16 -11.93
N HIS B 34 -28.51 -5.39 -12.37
CA HIS B 34 -28.74 -5.18 -13.79
C HIS B 34 -27.56 -4.47 -14.45
N ILE B 35 -26.98 -5.11 -15.45
CA ILE B 35 -25.72 -4.62 -16.06
C ILE B 35 -25.60 -5.11 -17.49
N GLU B 36 -24.86 -4.35 -18.31
CA GLU B 36 -24.58 -4.76 -19.68
C GLU B 36 -23.08 -4.66 -19.90
N ILE B 37 -22.48 -5.71 -20.41
CA ILE B 37 -21.00 -5.74 -20.53
C ILE B 37 -20.67 -6.13 -21.94
N GLN B 38 -19.78 -5.35 -22.57
CA GLN B 38 -19.32 -5.71 -23.94
C GLN B 38 -17.80 -5.73 -23.87
N MET B 39 -17.15 -6.57 -24.68
CA MET B 39 -15.70 -6.47 -24.88
C MET B 39 -15.48 -6.07 -26.33
N LEU B 40 -14.53 -5.17 -26.54
CA LEU B 40 -14.33 -4.49 -27.83
C LEU B 40 -12.97 -4.79 -28.40
N LYS B 41 -12.95 -5.04 -29.72
CA LYS B 41 -11.72 -5.02 -30.48
C LYS B 41 -11.75 -3.84 -31.45
N ASN B 42 -10.79 -2.95 -31.32
CA ASN B 42 -10.77 -1.68 -32.08
C ASN B 42 -12.13 -0.96 -32.06
N GLY B 43 -12.71 -0.94 -30.87
CA GLY B 43 -13.96 -0.22 -30.61
C GLY B 43 -15.21 -0.93 -31.05
N LYS B 44 -15.06 -2.15 -31.58
CA LYS B 44 -16.18 -2.92 -32.10
C LYS B 44 -16.49 -4.11 -31.20
N LYS B 45 -17.77 -4.33 -30.91
CA LYS B 45 -18.21 -5.43 -30.04
C LYS B 45 -17.71 -6.74 -30.56
N ILE B 46 -17.29 -7.60 -29.65
CA ILE B 46 -16.78 -8.93 -30.00
C ILE B 46 -17.94 -9.90 -29.78
N PRO B 47 -18.42 -10.53 -30.84
CA PRO B 47 -19.58 -11.42 -30.73
C PRO B 47 -19.31 -12.80 -30.03
N LYS B 48 -18.04 -13.11 -29.72
CA LYS B 48 -17.74 -14.41 -29.14
C LYS B 48 -17.46 -14.35 -27.63
N VAL B 49 -17.77 -13.21 -27.03
CA VAL B 49 -17.68 -13.03 -25.58
C VAL B 49 -18.64 -13.97 -24.88
N GLU B 50 -18.09 -14.67 -23.88
CA GLU B 50 -18.86 -15.55 -22.95
C GLU B 50 -18.95 -14.88 -21.61
N MET B 51 -20.01 -15.17 -20.89
CA MET B 51 -20.32 -14.50 -19.62
C MET B 51 -20.47 -15.59 -18.60
N SER B 52 -19.73 -15.53 -17.50
CA SER B 52 -20.00 -16.41 -16.38
C SER B 52 -21.32 -16.00 -15.73
N ASP B 53 -21.80 -16.84 -14.82
CA ASP B 53 -23.01 -16.52 -14.08
C ASP B 53 -22.65 -15.41 -13.13
N MET B 54 -23.57 -14.47 -12.96
CA MET B 54 -23.40 -13.46 -11.91
C MET B 54 -23.46 -14.09 -10.53
N SER B 55 -22.60 -13.61 -9.63
CA SER B 55 -22.62 -14.14 -8.29
C SER B 55 -22.49 -12.95 -7.35
N PHE B 56 -22.34 -13.20 -6.05
CA PHE B 56 -21.94 -12.11 -5.19
C PHE B 56 -20.98 -12.58 -4.13
N SER B 57 -20.23 -11.61 -3.59
CA SER B 57 -19.21 -11.89 -2.58
C SER B 57 -19.77 -11.86 -1.19
N LYS B 58 -18.98 -12.40 -0.27
CA LYS B 58 -19.26 -12.40 1.17
C LYS B 58 -19.84 -11.08 1.68
N ASP B 59 -19.43 -9.97 1.08
CA ASP B 59 -19.89 -8.67 1.54
C ASP B 59 -21.10 -8.14 0.76
N TRP B 60 -21.76 -9.03 0.01
CA TRP B 60 -23.02 -8.75 -0.78
C TRP B 60 -22.84 -8.08 -2.13
N SER B 61 -21.60 -7.76 -2.51
CA SER B 61 -21.44 -7.01 -3.75
C SER B 61 -21.38 -7.98 -4.87
N PHE B 62 -21.99 -7.60 -5.99
CA PHE B 62 -22.09 -8.46 -7.14
C PHE B 62 -20.80 -8.50 -7.93
N TYR B 63 -20.63 -9.57 -8.70
CA TYR B 63 -19.51 -9.65 -9.61
C TYR B 63 -19.85 -10.58 -10.75
N ILE B 64 -19.17 -10.44 -11.87
CA ILE B 64 -19.41 -11.32 -13.03
C ILE B 64 -18.14 -11.25 -13.87
N LEU B 65 -17.85 -12.32 -14.61
CA LEU B 65 -16.64 -12.41 -15.41
C LEU B 65 -17.03 -12.63 -16.85
N ALA B 66 -16.54 -11.76 -17.73
CA ALA B 66 -16.75 -12.01 -19.16
C ALA B 66 -15.42 -12.39 -19.73
N HIS B 67 -15.43 -13.14 -20.81
CA HIS B 67 -14.16 -13.51 -21.40
C HIS B 67 -14.36 -13.80 -22.87
N THR B 68 -13.25 -13.74 -23.61
CA THR B 68 -13.27 -13.99 -25.03
C THR B 68 -11.91 -14.46 -25.55
N GLU B 69 -11.95 -15.41 -26.49
CA GLU B 69 -10.77 -15.68 -27.31
C GLU B 69 -10.31 -14.41 -27.98
N PHE B 70 -8.99 -14.15 -27.98
CA PHE B 70 -8.44 -13.01 -28.71
C PHE B 70 -7.00 -13.33 -29.10
N THR B 71 -6.52 -12.63 -30.13
CA THR B 71 -5.14 -12.75 -30.57
C THR B 71 -4.63 -11.30 -30.46
N PRO B 72 -3.85 -11.04 -29.42
CA PRO B 72 -3.28 -9.73 -29.25
C PRO B 72 -2.30 -9.48 -30.39
N THR B 73 -2.27 -8.27 -30.96
CA THR B 73 -1.18 -7.93 -31.90
C THR B 73 -0.74 -6.50 -31.66
N GLU B 74 0.28 -6.07 -32.39
CA GLU B 74 0.82 -4.72 -32.25
C GLU B 74 -0.06 -3.65 -32.90
N THR B 75 -1.16 -4.03 -33.55
CA THR B 75 -2.05 -3.05 -34.14
C THR B 75 -3.51 -3.11 -33.63
N ASP B 76 -3.83 -3.89 -32.63
CA ASP B 76 -5.25 -4.01 -32.24
C ASP B 76 -5.36 -3.56 -30.81
N THR B 77 -6.39 -2.78 -30.51
CA THR B 77 -6.68 -2.45 -29.10
C THR B 77 -7.88 -3.27 -28.61
N TYR B 78 -7.92 -3.52 -27.30
CA TYR B 78 -9.01 -4.28 -26.65
C TYR B 78 -9.51 -3.53 -25.44
N ALA B 79 -10.82 -3.64 -25.20
CA ALA B 79 -11.45 -2.84 -24.20
C ALA B 79 -12.62 -3.62 -23.64
N CYS B 80 -12.99 -3.29 -22.42
CA CYS B 80 -14.28 -3.78 -21.86
C CYS B 80 -15.18 -2.58 -21.53
N ARG B 81 -16.43 -2.61 -21.99
CA ARG B 81 -17.35 -1.47 -21.82
C ARG B 81 -18.58 -1.88 -21.03
N VAL B 82 -18.84 -1.16 -19.95
CA VAL B 82 -19.89 -1.57 -19.03
C VAL B 82 -20.94 -0.45 -18.92
N LYS B 83 -22.22 -0.82 -19.08
CA LYS B 83 -23.36 0.11 -18.89
C LYS B 83 -24.09 -0.25 -17.58
N HIS B 84 -24.34 0.74 -16.73
CA HIS B 84 -24.98 0.49 -15.44
C HIS B 84 -25.67 1.75 -14.95
N ALA B 85 -26.77 1.60 -14.23
CA ALA B 85 -27.61 2.75 -13.87
C ALA B 85 -26.85 3.75 -12.98
N SER B 86 -25.75 3.30 -12.37
CA SER B 86 -25.00 4.21 -11.51
C SER B 86 -24.16 5.21 -12.28
N MET B 87 -24.04 5.04 -13.60
CA MET B 87 -23.16 5.89 -14.40
C MET B 87 -23.96 6.53 -15.52
N ALA B 88 -23.73 7.83 -15.77
CA ALA B 88 -24.39 8.49 -16.89
C ALA B 88 -23.91 7.95 -18.24
N GLU B 89 -22.62 7.69 -18.34
CA GLU B 89 -21.98 7.16 -19.56
C GLU B 89 -21.53 5.71 -19.36
N PRO B 90 -21.46 4.93 -20.43
CA PRO B 90 -20.78 3.64 -20.34
C PRO B 90 -19.36 3.88 -19.86
N LYS B 91 -18.85 2.98 -19.04
CA LYS B 91 -17.47 3.08 -18.59
C LYS B 91 -16.62 2.15 -19.43
N THR B 92 -15.58 2.67 -20.06
CA THR B 92 -14.76 1.82 -20.91
C THR B 92 -13.39 1.72 -20.31
N VAL B 93 -12.96 0.49 -20.04
CA VAL B 93 -11.57 0.31 -19.67
C VAL B 93 -10.74 -0.47 -20.68
N TYR B 94 -9.66 0.15 -21.14
CA TYR B 94 -8.78 -0.45 -22.15
C TYR B 94 -7.84 -1.46 -21.51
N TRP B 95 -7.65 -2.57 -22.18
CA TRP B 95 -6.58 -3.50 -21.80
C TRP B 95 -5.25 -2.77 -21.86
N ASP B 96 -4.43 -2.93 -20.82
CA ASP B 96 -3.17 -2.18 -20.74
C ASP B 96 -2.04 -2.78 -21.58
N ARG B 97 -2.35 -3.89 -22.23
CA ARG B 97 -1.50 -4.65 -23.15
C ARG B 97 -0.48 -5.49 -22.41
N ASP B 98 -0.62 -5.54 -21.08
CA ASP B 98 0.41 -6.18 -20.22
C ASP B 98 -0.21 -7.27 -19.35
N MET B 99 -1.38 -6.91 -18.79
CA MET B 99 -2.15 -7.74 -17.86
C MET B 99 -2.65 -8.96 -18.59
N ASN C 7 22.34 2.76 21.24
CA ASN C 7 22.85 2.32 19.89
C ASN C 7 22.03 2.83 18.69
N TYR C 8 21.11 2.05 18.12
CA TYR C 8 20.31 2.59 17.04
C TYR C 8 19.10 3.33 17.54
N THR C 9 18.84 4.50 16.96
CA THR C 9 17.62 5.25 17.17
C THR C 9 16.71 5.19 15.95
N PHE C 10 15.49 4.70 16.20
CA PHE C 10 14.43 4.70 15.19
C PHE C 10 13.57 5.95 15.38
N ARG C 11 13.43 6.78 14.34
CA ARG C 11 12.66 8.03 14.44
C ARG C 11 11.61 8.03 13.36
N CYS C 12 10.34 8.23 13.76
CA CYS C 12 9.23 8.52 12.84
C CYS C 12 9.02 10.02 12.90
N LEU C 13 9.18 10.69 11.76
CA LEU C 13 9.15 12.17 11.74
C LEU C 13 7.96 12.62 10.95
N GLN C 14 6.97 13.20 11.62
CA GLN C 14 5.78 13.67 10.89
C GLN C 14 5.76 15.19 10.75
N MET C 15 5.48 15.71 9.54
CA MET C 15 5.47 17.15 9.29
C MET C 15 4.09 17.53 8.78
N SER C 16 3.38 18.37 9.53
CA SER C 16 2.00 18.76 9.16
C SER C 16 1.92 20.29 9.01
N SER C 17 1.38 20.72 7.89
CA SER C 17 1.21 22.15 7.60
C SER C 17 -0.25 22.45 7.36
N PHE C 18 -0.75 23.43 8.09
CA PHE C 18 -2.14 23.94 7.88
C PHE C 18 -2.05 25.40 7.44
N ALA C 19 -2.29 25.65 6.17
CA ALA C 19 -2.11 26.99 5.63
C ALA C 19 -3.26 27.87 5.99
N ASN C 20 -4.44 27.27 5.89
CA ASN C 20 -5.70 27.91 6.22
C ASN C 20 -6.79 26.83 6.35
N ARG C 21 -8.05 27.23 6.26
CA ARG C 21 -9.11 26.27 6.46
C ARG C 21 -9.22 25.30 5.32
N SER C 22 -8.81 25.68 4.11
CA SER C 22 -8.98 24.76 2.97
C SER C 22 -7.75 23.95 2.52
N TRP C 23 -6.60 24.18 3.13
CA TRP C 23 -5.34 23.57 2.70
C TRP C 23 -4.49 23.10 3.85
N SER C 24 -4.16 21.80 3.81
CA SER C 24 -3.29 21.18 4.78
C SER C 24 -2.66 19.93 4.18
N ARG C 25 -1.53 19.55 4.73
CA ARG C 25 -0.95 18.25 4.33
C ARG C 25 -0.07 17.75 5.42
N THR C 26 0.06 16.42 5.45
CA THR C 26 0.90 15.75 6.42
C THR C 26 1.77 14.79 5.62
N ASP C 27 3.08 14.93 5.78
CA ASP C 27 4.08 14.00 5.20
C ASP C 27 4.98 13.48 6.27
N SER C 28 5.26 12.18 6.19
CA SER C 28 6.18 11.57 7.14
C SER C 28 7.40 10.88 6.50
N VAL C 29 8.48 10.88 7.25
CA VAL C 29 9.66 10.05 6.92
C VAL C 29 10.08 9.23 8.12
N VAL C 30 10.68 8.07 7.88
CA VAL C 30 11.08 7.23 9.01
C VAL C 30 12.58 6.85 8.82
N TRP C 31 13.39 6.93 9.88
CA TRP C 31 14.82 6.63 9.83
C TRP C 31 15.22 5.62 10.87
N LEU C 32 16.14 4.73 10.52
CA LEU C 32 16.76 3.82 11.44
C LEU C 32 18.22 4.24 11.45
N GLY C 33 18.66 4.91 12.51
CA GLY C 33 19.97 5.57 12.40
C GLY C 33 19.94 6.59 11.24
N ASP C 34 20.90 6.52 10.33
CA ASP C 34 20.95 7.44 9.20
C ASP C 34 20.41 6.90 7.86
N LEU C 35 19.66 5.81 7.93
CA LEU C 35 19.09 5.23 6.71
C LEU C 35 17.59 5.41 6.76
N GLN C 36 17.04 5.95 5.70
CA GLN C 36 15.61 6.10 5.62
C GLN C 36 14.91 4.73 5.31
N THR C 37 13.91 4.36 6.13
CA THR C 37 13.24 3.06 5.91
C THR C 37 11.84 3.25 5.33
N HIS C 38 11.23 4.41 5.62
CA HIS C 38 9.88 4.69 5.10
C HIS C 38 9.67 6.14 4.68
N ARG C 39 8.68 6.31 3.82
CA ARG C 39 8.14 7.59 3.47
C ARG C 39 6.61 7.44 3.43
N TRP C 40 5.90 8.49 3.86
CA TRP C 40 4.46 8.49 3.67
C TRP C 40 4.01 9.87 3.22
N SER C 41 3.73 9.98 1.92
CA SER C 41 3.37 11.29 1.38
C SER C 41 1.91 11.53 1.62
N ASN C 42 1.54 12.81 1.69
CA ASN C 42 0.17 13.17 1.90
C ASN C 42 -0.67 12.59 0.77
N ASP C 43 -0.08 12.51 -0.43
CA ASP C 43 -0.79 12.06 -1.64
C ASP C 43 -1.09 10.58 -1.64
N SER C 44 -0.42 9.84 -0.77
CA SER C 44 -0.51 8.40 -0.85
C SER C 44 -1.38 7.82 0.26
N ALA C 45 -2.15 6.81 -0.07
CA ALA C 45 -3.03 6.21 0.91
C ALA C 45 -2.24 5.33 1.85
N THR C 46 -1.10 4.84 1.36
CA THR C 46 -0.29 3.89 2.10
C THR C 46 1.15 4.38 2.34
N ILE C 47 1.76 3.81 3.36
CA ILE C 47 3.17 4.04 3.67
C ILE C 47 4.03 3.31 2.63
N SER C 48 5.13 3.94 2.21
CA SER C 48 6.02 3.38 1.20
C SER C 48 7.28 2.92 1.87
N PHE C 49 7.78 1.77 1.42
CA PHE C 49 9.06 1.26 1.93
C PHE C 49 10.16 1.87 1.09
N THR C 50 11.21 2.34 1.75
CA THR C 50 12.35 2.84 1.01
C THR C 50 13.57 1.93 1.18
N LYS C 51 13.36 0.73 1.71
CA LYS C 51 14.37 -0.34 1.76
C LYS C 51 13.67 -1.66 1.36
N PRO C 52 14.41 -2.65 0.92
CA PRO C 52 13.84 -3.95 0.69
C PRO C 52 13.29 -4.53 2.00
N TRP C 53 13.82 -4.05 3.12
CA TRP C 53 13.61 -4.71 4.43
C TRP C 53 12.79 -3.88 5.41
N SER C 54 12.02 -2.95 4.87
CA SER C 54 11.32 -1.97 5.72
C SER C 54 10.13 -2.57 6.48
N GLN C 55 9.70 -3.79 6.15
CA GLN C 55 8.62 -4.49 6.92
C GLN C 55 9.19 -5.23 8.10
N GLY C 56 10.52 -5.18 8.26
CA GLY C 56 11.19 -5.96 9.28
C GLY C 56 10.83 -7.43 9.23
N LYS C 57 10.47 -7.96 10.40
CA LYS C 57 9.99 -9.35 10.52
C LYS C 57 8.47 -9.42 10.79
N LEU C 58 7.75 -8.31 10.64
CA LEU C 58 6.27 -8.36 10.79
C LEU C 58 5.67 -9.11 9.63
N SER C 59 4.67 -9.96 9.90
CA SER C 59 3.95 -10.61 8.81
C SER C 59 3.17 -9.59 7.98
N ASN C 60 2.73 -9.97 6.78
CA ASN C 60 1.90 -9.10 5.95
C ASN C 60 0.67 -8.69 6.72
N GLN C 61 0.06 -9.64 7.47
CA GLN C 61 -1.12 -9.33 8.26
C GLN C 61 -0.83 -8.26 9.30
N GLN C 62 0.27 -8.41 10.04
CA GLN C 62 0.53 -7.46 11.13
C GLN C 62 0.92 -6.12 10.55
N TRP C 63 1.67 -6.12 9.44
CA TRP C 63 1.98 -4.84 8.80
C TRP C 63 0.71 -4.11 8.34
N GLU C 64 -0.19 -4.82 7.65
CA GLU C 64 -1.44 -4.22 7.25
C GLU C 64 -2.27 -3.67 8.44
N LYS C 65 -2.33 -4.39 9.57
CA LYS C 65 -3.00 -3.84 10.77
C LYS C 65 -2.29 -2.61 11.31
N LEU C 66 -0.97 -2.59 11.27
CA LEU C 66 -0.21 -1.44 11.77
C LEU C 66 -0.37 -0.23 10.85
N GLN C 67 -0.27 -0.47 9.54
CA GLN C 67 -0.55 0.59 8.58
C GLN C 67 -2.00 1.11 8.80
N HIS C 68 -2.97 0.21 8.88
CA HIS C 68 -4.37 0.65 9.05
C HIS C 68 -4.60 1.59 10.25
N MET C 69 -3.94 1.28 11.37
CA MET C 69 -3.96 2.14 12.54
C MET C 69 -3.40 3.52 12.19
N PHE C 70 -2.31 3.56 11.40
CA PHE C 70 -1.76 4.85 11.02
C PHE C 70 -2.69 5.60 10.06
N GLN C 71 -3.32 4.89 9.12
CA GLN C 71 -4.25 5.52 8.17
C GLN C 71 -5.46 6.21 8.88
N VAL C 72 -6.00 5.54 9.89
CA VAL C 72 -7.07 6.09 10.76
C VAL C 72 -6.53 7.30 11.59
N TYR C 73 -5.32 7.14 12.10
CA TYR C 73 -4.66 8.24 12.85
C TYR C 73 -4.44 9.49 12.00
N ARG C 74 -3.96 9.33 10.77
CA ARG C 74 -3.66 10.52 9.95
C ARG C 74 -4.93 11.34 9.77
N VAL C 75 -6.05 10.66 9.49
CA VAL C 75 -7.34 11.34 9.31
C VAL C 75 -7.82 11.99 10.62
N SER C 76 -7.74 11.26 11.72
CA SER C 76 -8.19 11.77 13.01
C SER C 76 -7.33 12.92 13.49
N PHE C 77 -6.01 12.79 13.35
CA PHE C 77 -5.05 13.83 13.71
C PHE C 77 -5.35 15.14 12.98
N THR C 78 -5.64 15.02 11.68
CA THR C 78 -5.97 16.17 10.83
C THR C 78 -7.26 16.85 11.31
N ARG C 79 -8.32 16.08 11.52
CA ARG C 79 -9.55 16.71 12.00
C ARG C 79 -9.40 17.32 13.40
N ASP C 80 -8.61 16.72 14.28
CA ASP C 80 -8.33 17.24 15.62
C ASP C 80 -7.59 18.60 15.60
N ILE C 81 -6.59 18.70 14.73
CA ILE C 81 -5.85 19.95 14.60
C ILE C 81 -6.75 21.03 14.03
N GLN C 82 -7.65 20.65 13.14
CA GLN C 82 -8.55 21.62 12.53
C GLN C 82 -9.51 22.22 13.57
N GLU C 83 -9.77 21.46 14.64
CA GLU C 83 -10.63 21.92 15.74
C GLU C 83 -9.76 22.65 16.78
N LEU C 84 -8.58 22.09 17.06
CA LEU C 84 -7.64 22.72 17.97
C LEU C 84 -7.23 24.16 17.63
N VAL C 85 -7.01 24.42 16.35
CA VAL C 85 -6.71 25.74 15.81
C VAL C 85 -7.79 26.79 16.18
N LYS C 86 -9.02 26.30 16.39
CA LYS C 86 -10.12 27.15 16.84
C LYS C 86 -10.06 27.44 18.36
N MET C 87 -9.19 26.72 19.07
CA MET C 87 -9.11 26.82 20.53
C MET C 87 -7.91 27.67 20.98
N MET C 88 -7.04 27.96 20.01
CA MET C 88 -5.83 28.77 20.11
C MET C 88 -6.11 30.20 20.44
N SER C 89 -5.11 30.86 21.04
CA SER C 89 -5.04 32.33 21.10
C SER C 89 -3.78 32.82 20.32
N PRO C 90 -3.95 33.69 19.31
CA PRO C 90 -5.25 34.16 18.82
C PRO C 90 -5.91 33.08 17.95
N LYS C 91 -7.23 33.12 17.84
CA LYS C 91 -7.95 32.01 17.20
C LYS C 91 -7.49 31.84 15.73
N GLU C 92 -7.24 30.60 15.32
CA GLU C 92 -6.99 30.25 13.90
C GLU C 92 -5.85 31.08 13.29
N ASP C 93 -4.71 31.03 13.98
CA ASP C 93 -3.60 31.91 13.67
C ASP C 93 -2.73 31.34 12.55
N TYR C 94 -3.33 31.14 11.37
CA TYR C 94 -2.60 30.52 10.25
C TYR C 94 -1.44 31.38 9.74
N PRO C 95 -0.41 30.81 9.11
CA PRO C 95 -0.26 29.36 8.90
C PRO C 95 0.28 28.63 10.13
N ILE C 96 0.00 27.33 10.22
CA ILE C 96 0.33 26.52 11.41
C ILE C 96 1.23 25.39 10.98
N GLU C 97 2.35 25.20 11.68
CA GLU C 97 3.21 24.07 11.37
C GLU C 97 3.29 23.18 12.58
N ILE C 98 3.05 21.88 12.38
CA ILE C 98 3.19 20.92 13.51
C ILE C 98 4.17 19.86 13.12
N GLN C 99 5.08 19.54 14.04
CA GLN C 99 5.97 18.42 13.81
C GLN C 99 5.83 17.45 14.97
N LEU C 100 5.89 16.17 14.64
CA LEU C 100 5.91 15.15 15.64
C LEU C 100 7.14 14.24 15.44
N SER C 101 7.88 14.00 16.50
CA SER C 101 9.03 13.12 16.41
C SER C 101 8.79 11.97 17.42
N ALA C 102 8.67 10.73 16.93
CA ALA C 102 8.34 9.56 17.79
C ALA C 102 9.19 8.32 17.43
N GLY C 103 9.49 7.47 18.40
CA GLY C 103 10.24 6.25 18.11
C GLY C 103 10.90 5.73 19.36
N CYS C 104 12.02 5.03 19.21
CA CYS C 104 12.66 4.38 20.35
C CYS C 104 14.15 4.26 20.08
N GLU C 105 14.92 4.28 21.15
CA GLU C 105 16.37 4.06 21.11
C GLU C 105 16.63 2.65 21.61
N MET C 106 17.34 1.86 20.82
CA MET C 106 17.69 0.48 21.22
C MET C 106 19.03 0.42 21.92
N TYR C 107 19.05 -0.25 23.07
CA TYR C 107 20.28 -0.45 23.83
C TYR C 107 20.49 -1.96 24.01
N PRO C 108 21.29 -2.58 23.14
CA PRO C 108 21.56 -4.02 23.23
C PRO C 108 21.80 -4.46 24.67
N GLY C 109 21.14 -5.55 25.05
CA GLY C 109 21.26 -6.11 26.40
C GLY C 109 20.32 -5.50 27.43
N ASN C 110 19.84 -4.28 27.17
CA ASN C 110 18.83 -3.70 28.05
C ASN C 110 17.57 -3.22 27.35
N ALA C 111 16.76 -2.51 28.12
CA ALA C 111 15.47 -2.06 27.65
C ALA C 111 15.69 -0.83 26.79
N SER C 112 14.90 -0.76 25.74
CA SER C 112 14.85 0.37 24.87
C SER C 112 14.23 1.58 25.59
N GLU C 113 14.39 2.78 25.03
CA GLU C 113 13.75 3.95 25.57
C GLU C 113 12.89 4.53 24.45
N SER C 114 11.73 5.09 24.76
CA SER C 114 10.80 5.56 23.72
C SER C 114 10.60 7.06 23.92
N PHE C 115 10.15 7.77 22.89
CA PHE C 115 9.90 9.23 22.93
C PHE C 115 8.77 9.60 22.00
N LEU C 116 8.09 10.69 22.31
CA LEU C 116 7.11 11.27 21.41
C LEU C 116 7.10 12.76 21.77
N HIS C 117 7.72 13.58 20.90
CA HIS C 117 7.79 15.02 21.12
C HIS C 117 7.04 15.70 19.99
N VAL C 118 6.37 16.80 20.35
CA VAL C 118 5.60 17.57 19.35
C VAL C 118 6.07 19.02 19.37
N ALA C 119 6.27 19.60 18.20
CA ALA C 119 6.61 21.04 18.11
C ALA C 119 5.54 21.83 17.37
N PHE C 120 5.38 23.10 17.74
CA PHE C 120 4.38 23.96 17.13
C PHE C 120 5.10 25.22 16.68
N GLN C 121 4.99 25.54 15.38
CA GLN C 121 5.73 26.66 14.79
C GLN C 121 7.24 26.55 15.07
N GLY C 122 7.73 25.33 15.02
CA GLY C 122 9.14 24.98 15.25
C GLY C 122 9.66 25.03 16.68
N LYS C 123 8.76 25.04 17.66
CA LYS C 123 9.21 25.02 19.07
C LYS C 123 8.53 23.88 19.81
N TYR C 124 9.32 23.20 20.61
CA TYR C 124 8.91 21.98 21.30
C TYR C 124 7.83 22.41 22.25
N VAL C 125 6.65 21.79 22.19
CA VAL C 125 5.57 22.17 23.16
C VAL C 125 4.92 21.06 24.00
N VAL C 126 4.88 19.86 23.48
CA VAL C 126 4.18 18.73 24.14
C VAL C 126 5.02 17.45 24.03
N ARG C 127 4.97 16.60 25.04
CA ARG C 127 5.54 15.25 24.95
C ARG C 127 4.48 14.24 25.41
N PHE C 128 4.59 12.98 24.97
CA PHE C 128 3.96 11.87 25.70
C PHE C 128 4.93 11.28 26.74
N TRP C 129 4.49 11.18 27.99
CA TRP C 129 5.40 10.80 29.03
C TRP C 129 4.75 9.75 29.87
N GLY C 130 5.20 8.50 29.75
CA GLY C 130 4.69 7.41 30.61
C GLY C 130 3.30 6.92 30.18
N THR C 131 2.29 7.56 30.74
CA THR C 131 0.89 7.29 30.40
C THR C 131 0.08 8.51 29.99
N SER C 132 0.68 9.69 29.93
CA SER C 132 -0.11 10.90 29.59
C SER C 132 0.64 11.92 28.76
N TRP C 133 -0.13 12.86 28.18
CA TRP C 133 0.44 13.94 27.42
C TRP C 133 0.79 15.05 28.40
N GLN C 134 1.84 15.81 28.11
CA GLN C 134 2.27 16.89 28.99
C GLN C 134 2.71 18.07 28.15
N THR C 135 2.33 19.29 28.53
CA THR C 135 2.96 20.43 27.89
C THR C 135 4.29 20.61 28.58
N VAL C 136 5.20 21.30 27.93
CA VAL C 136 6.57 21.45 28.42
C VAL C 136 6.82 22.96 28.73
N PRO C 137 7.79 23.32 29.59
CA PRO C 137 8.12 24.72 29.85
C PRO C 137 8.18 25.58 28.59
N GLY C 138 7.43 26.69 28.60
CA GLY C 138 7.31 27.54 27.41
C GLY C 138 6.25 27.21 26.36
N ALA C 139 5.44 26.17 26.59
CA ALA C 139 4.32 25.92 25.71
C ALA C 139 3.29 27.02 25.94
N PRO C 140 2.49 27.38 24.94
CA PRO C 140 1.45 28.41 25.16
C PRO C 140 0.34 27.92 26.10
N SER C 141 -0.21 28.81 26.94
CA SER C 141 -1.22 28.39 27.91
C SER C 141 -2.57 27.99 27.30
N TRP C 142 -2.83 28.39 26.06
CA TRP C 142 -4.01 27.86 25.40
C TRP C 142 -3.93 26.36 25.17
N LEU C 143 -2.74 25.75 25.27
CA LEU C 143 -2.66 24.29 25.12
C LEU C 143 -3.07 23.48 26.34
N ASP C 144 -3.07 24.09 27.52
CA ASP C 144 -3.28 23.37 28.75
C ASP C 144 -4.59 22.60 28.82
N LEU C 145 -5.68 23.31 28.61
CA LEU C 145 -6.98 22.66 28.68
C LEU C 145 -7.20 21.58 27.59
N PRO C 146 -6.91 21.85 26.29
CA PRO C 146 -6.95 20.78 25.28
C PRO C 146 -6.12 19.56 25.71
N ILE C 147 -4.92 19.77 26.27
CA ILE C 147 -4.09 18.64 26.74
C ILE C 147 -4.74 17.90 27.92
N LYS C 148 -5.31 18.64 28.88
CA LYS C 148 -6.09 18.02 29.95
C LYS C 148 -7.23 17.12 29.41
N VAL C 149 -7.94 17.62 28.40
CA VAL C 149 -9.06 16.86 27.83
C VAL C 149 -8.56 15.65 27.01
N LEU C 150 -7.51 15.85 26.22
CA LEU C 150 -6.89 14.74 25.52
C LEU C 150 -6.44 13.64 26.51
N ASN C 151 -5.94 14.03 27.69
CA ASN C 151 -5.63 13.03 28.72
C ASN C 151 -6.80 12.17 29.23
N ALA C 152 -8.03 12.59 28.97
CA ALA C 152 -9.21 11.76 29.27
C ALA C 152 -9.46 10.67 28.21
N ASP C 153 -8.75 10.72 27.11
CA ASP C 153 -8.92 9.75 26.03
C ASP C 153 -8.06 8.52 26.36
N GLN C 154 -8.61 7.60 27.16
CA GLN C 154 -7.89 6.42 27.63
C GLN C 154 -7.48 5.52 26.49
N GLY C 155 -8.30 5.41 25.45
CA GLY C 155 -7.96 4.57 24.28
C GLY C 155 -6.73 4.99 23.51
N THR C 156 -6.62 6.29 23.25
CA THR C 156 -5.43 6.87 22.66
C THR C 156 -4.22 6.68 23.54
N SER C 157 -4.38 6.89 24.84
CA SER C 157 -3.25 6.76 25.74
C SER C 157 -2.78 5.30 25.69
N ALA C 158 -3.72 4.35 25.73
CA ALA C 158 -3.35 2.92 25.69
C ALA C 158 -2.65 2.54 24.37
N THR C 159 -3.21 3.04 23.27
CA THR C 159 -2.61 2.78 21.97
C THR C 159 -1.20 3.38 21.86
N VAL C 160 -1.02 4.64 22.27
CA VAL C 160 0.31 5.27 22.26
C VAL C 160 1.29 4.48 23.17
N GLN C 161 0.89 4.14 24.39
CA GLN C 161 1.76 3.30 25.26
C GLN C 161 2.16 1.98 24.59
N MET C 162 1.21 1.25 23.97
CA MET C 162 1.54 0.07 23.20
C MET C 162 2.56 0.39 22.09
N LEU C 163 2.32 1.47 21.37
CA LEU C 163 3.17 1.76 20.23
C LEU C 163 4.60 2.04 20.66
N LEU C 164 4.74 2.88 21.68
CA LEU C 164 6.05 3.29 22.15
C LEU C 164 6.77 2.16 22.89
N ASN C 165 6.06 1.53 23.80
CA ASN C 165 6.65 0.50 24.66
C ASN C 165 6.85 -0.88 24.04
N ASP C 166 5.95 -1.28 23.15
CA ASP C 166 5.95 -2.66 22.68
C ASP C 166 6.20 -2.75 21.19
N THR C 167 5.36 -2.03 20.44
CA THR C 167 5.43 -2.10 18.97
C THR C 167 6.78 -1.59 18.44
N CYS C 168 7.20 -0.45 18.94
CA CYS C 168 8.44 0.14 18.49
C CYS C 168 9.68 -0.80 18.63
N PRO C 169 10.05 -1.22 19.85
CA PRO C 169 11.21 -2.15 20.02
C PRO C 169 11.11 -3.44 19.27
N LEU C 170 9.93 -4.08 19.30
CA LEU C 170 9.71 -5.30 18.54
C LEU C 170 10.00 -5.10 17.03
N PHE C 171 9.43 -4.03 16.48
CA PHE C 171 9.54 -3.72 15.06
C PHE C 171 10.99 -3.41 14.70
N VAL C 172 11.64 -2.58 15.51
CA VAL C 172 13.04 -2.19 15.28
C VAL C 172 13.94 -3.42 15.40
N ARG C 173 13.73 -4.28 16.40
CA ARG C 173 14.55 -5.52 16.50
C ARG C 173 14.47 -6.31 15.18
N GLY C 174 13.29 -6.36 14.59
CA GLY C 174 13.12 -7.09 13.32
C GLY C 174 13.76 -6.37 12.15
N LEU C 175 13.66 -5.04 12.14
CA LEU C 175 14.40 -4.20 11.15
C LEU C 175 15.90 -4.45 11.17
N LEU C 176 16.47 -4.57 12.37
CA LEU C 176 17.91 -4.73 12.49
C LEU C 176 18.39 -6.10 12.03
N GLU C 177 17.52 -7.08 12.19
CA GLU C 177 17.80 -8.39 11.70
C GLU C 177 17.64 -8.39 10.16
N ALA C 178 16.51 -7.91 9.63
CA ALA C 178 16.27 -8.00 8.18
C ALA C 178 17.18 -7.07 7.38
N GLY C 179 17.55 -5.93 7.97
CA GLY C 179 18.31 -4.93 7.26
C GLY C 179 19.80 -5.01 7.47
N LYS C 180 20.23 -6.15 7.99
CA LYS C 180 21.57 -6.28 8.56
C LYS C 180 22.64 -5.94 7.52
N SER C 181 22.47 -6.44 6.30
CA SER C 181 23.49 -6.24 5.26
C SER C 181 23.66 -4.79 4.84
N ASP C 182 22.59 -3.99 4.81
CA ASP C 182 22.75 -2.57 4.57
C ASP C 182 23.31 -1.85 5.78
N LEU C 183 22.84 -2.23 6.97
CA LEU C 183 23.17 -1.51 8.17
C LEU C 183 24.66 -1.63 8.43
N GLU C 184 25.19 -2.81 8.13
CA GLU C 184 26.60 -3.12 8.31
C GLU C 184 27.47 -2.95 7.05
N LYS C 185 26.90 -2.37 5.98
CA LYS C 185 27.65 -2.18 4.73
C LYS C 185 28.81 -1.20 4.97
N GLN C 186 29.91 -1.47 4.28
CA GLN C 186 31.12 -0.64 4.31
C GLN C 186 31.28 -0.08 2.89
N GLU C 187 31.30 1.25 2.79
CA GLU C 187 31.58 1.96 1.54
C GLU C 187 32.80 2.83 1.75
N LYS C 188 33.71 2.75 0.79
CA LYS C 188 35.01 3.45 0.86
C LYS C 188 34.95 4.91 0.50
N PRO C 189 35.62 5.77 1.27
CA PRO C 189 35.75 7.15 0.87
C PRO C 189 36.69 7.26 -0.35
N VAL C 190 36.47 8.29 -1.14
CA VAL C 190 37.42 8.75 -2.12
C VAL C 190 37.72 10.19 -1.75
N ALA C 191 39.01 10.56 -1.79
CA ALA C 191 39.40 11.91 -1.36
C ALA C 191 40.05 12.68 -2.49
N TRP C 192 39.93 14.00 -2.45
CA TRP C 192 40.69 14.87 -3.37
C TRP C 192 41.02 16.22 -2.72
N LEU C 193 42.02 16.94 -3.25
CA LEU C 193 42.54 18.17 -2.64
C LEU C 193 42.20 19.39 -3.49
N SER C 194 42.02 20.52 -2.84
CA SER C 194 41.90 21.77 -3.55
C SER C 194 42.35 22.86 -2.59
N SER C 195 42.46 24.08 -3.10
CA SER C 195 42.77 25.21 -2.27
C SER C 195 42.07 26.45 -2.79
N VAL C 196 41.77 27.34 -1.85
CA VAL C 196 41.23 28.66 -2.15
C VAL C 196 42.33 29.66 -1.76
N PRO C 197 42.70 30.56 -2.68
CA PRO C 197 43.75 31.56 -2.41
C PRO C 197 43.20 32.82 -1.74
N GLY C 202 49.17 35.63 -0.09
CA GLY C 202 49.32 35.65 1.37
C GLY C 202 49.03 34.30 2.02
N HIS C 203 47.74 34.00 2.21
CA HIS C 203 47.31 32.80 2.97
C HIS C 203 46.27 31.96 2.22
N ARG C 204 46.46 30.64 2.28
CA ARG C 204 45.67 29.68 1.56
C ARG C 204 44.88 28.79 2.50
N GLN C 205 43.71 28.37 2.06
CA GLN C 205 43.02 27.33 2.76
C GLN C 205 43.12 26.09 1.93
N LEU C 206 43.73 25.04 2.48
CA LEU C 206 43.76 23.71 1.87
C LEU C 206 42.56 22.91 2.31
N VAL C 207 41.95 22.23 1.34
CA VAL C 207 40.76 21.51 1.58
C VAL C 207 40.90 20.07 1.10
N CYS C 208 40.60 19.14 2.00
CA CYS C 208 40.61 17.72 1.69
C CYS C 208 39.16 17.30 1.66
N HIS C 209 38.70 16.88 0.49
CA HIS C 209 37.30 16.49 0.32
C HIS C 209 37.23 14.99 0.35
N VAL C 210 36.31 14.45 1.16
CA VAL C 210 36.20 13.01 1.33
C VAL C 210 34.72 12.64 1.07
N SER C 211 34.47 11.79 0.07
CA SER C 211 33.10 11.44 -0.32
C SER C 211 32.90 9.95 -0.61
N GLY C 212 31.70 9.44 -0.25
CA GLY C 212 31.23 8.13 -0.60
C GLY C 212 31.40 7.11 0.50
N PHE C 213 31.77 7.56 1.70
CA PHE C 213 32.01 6.64 2.80
C PHE C 213 30.76 6.30 3.61
N TYR C 214 30.75 5.06 4.12
CA TYR C 214 29.65 4.55 4.97
C TYR C 214 30.25 3.41 5.77
N PRO C 215 30.01 3.32 7.09
CA PRO C 215 29.15 4.20 7.88
C PRO C 215 29.78 5.55 8.20
N LYS C 216 29.11 6.34 9.03
CA LYS C 216 29.44 7.74 9.18
C LYS C 216 30.77 8.06 9.91
N PRO C 217 31.17 7.35 10.97
CA PRO C 217 32.46 7.69 11.60
C PRO C 217 33.65 7.65 10.61
N VAL C 218 34.40 8.77 10.55
CA VAL C 218 35.63 8.93 9.74
C VAL C 218 36.66 9.70 10.55
N TRP C 219 37.90 9.71 10.08
CA TRP C 219 38.95 10.51 10.69
C TRP C 219 39.68 11.09 9.50
N VAL C 220 39.84 12.41 9.45
CA VAL C 220 40.49 13.15 8.35
C VAL C 220 41.33 14.20 9.03
N MET C 221 42.63 14.18 8.72
CA MET C 221 43.59 15.08 9.34
C MET C 221 44.59 15.51 8.30
N TRP C 222 44.91 16.80 8.31
CA TRP C 222 46.10 17.27 7.61
C TRP C 222 47.31 16.90 8.42
N MET C 223 48.37 16.46 7.72
CA MET C 223 49.56 15.91 8.37
C MET C 223 50.79 16.51 7.75
N ARG C 224 51.84 16.65 8.54
CA ARG C 224 53.14 16.90 7.97
C ARG C 224 53.95 15.68 8.38
N GLY C 225 54.04 14.72 7.47
CA GLY C 225 54.59 13.40 7.78
C GLY C 225 53.66 12.71 8.75
N ASP C 226 54.21 12.31 9.90
CA ASP C 226 53.41 11.74 11.00
C ASP C 226 52.92 12.80 12.04
N GLN C 227 53.14 14.08 11.79
CA GLN C 227 52.70 15.12 12.72
C GLN C 227 51.30 15.57 12.33
N GLU C 228 50.32 15.33 13.20
CA GLU C 228 48.96 15.84 12.96
C GLU C 228 48.97 17.35 12.99
N GLN C 229 48.39 17.98 11.99
CA GLN C 229 48.25 19.45 12.02
C GLN C 229 47.01 19.85 12.80
N GLN C 230 47.22 20.55 13.90
CA GLN C 230 46.16 20.80 14.89
C GLN C 230 45.20 21.92 14.49
N GLY C 231 45.59 22.73 13.50
CA GLY C 231 44.64 23.67 12.85
C GLY C 231 43.67 23.01 11.86
N THR C 232 43.71 21.70 11.70
CA THR C 232 42.74 21.08 10.82
C THR C 232 41.35 21.39 11.39
N HIS C 233 40.40 21.79 10.53
CA HIS C 233 39.01 22.00 10.97
C HIS C 233 38.09 21.19 10.10
N ARG C 234 37.18 20.44 10.73
CA ARG C 234 36.32 19.55 9.96
C ARG C 234 34.99 20.26 9.71
N GLY C 235 34.43 20.09 8.51
CA GLY C 235 33.14 20.69 8.18
C GLY C 235 32.03 19.78 8.71
N ASP C 236 30.79 20.07 8.33
CA ASP C 236 29.67 19.23 8.69
C ASP C 236 29.64 18.00 7.80
N PHE C 237 28.98 16.94 8.27
CA PHE C 237 28.75 15.75 7.44
C PHE C 237 27.63 16.06 6.48
N LEU C 238 27.86 15.90 5.17
CA LEU C 238 26.83 16.20 4.20
C LEU C 238 26.45 14.93 3.46
N PRO C 239 25.14 14.73 3.23
CA PRO C 239 24.66 13.47 2.65
C PRO C 239 24.83 13.42 1.13
N ASN C 240 25.11 12.23 0.61
CA ASN C 240 25.02 11.99 -0.82
C ASN C 240 23.69 11.34 -1.15
N ALA C 241 23.27 11.42 -2.42
CA ALA C 241 21.99 10.82 -2.84
C ALA C 241 21.92 9.33 -2.57
N ASP C 242 23.07 8.64 -2.56
CA ASP C 242 23.11 7.20 -2.44
C ASP C 242 23.27 6.72 -1.00
N GLU C 243 22.96 7.60 -0.03
CA GLU C 243 23.11 7.32 1.43
C GLU C 243 24.55 7.05 1.94
N THR C 244 25.53 7.58 1.24
CA THR C 244 26.87 7.68 1.76
C THR C 244 27.07 9.12 2.21
N TRP C 245 28.27 9.40 2.70
CA TRP C 245 28.55 10.68 3.33
C TRP C 245 29.67 11.43 2.63
N TYR C 246 29.60 12.76 2.77
CA TYR C 246 30.67 13.67 2.30
C TYR C 246 31.12 14.49 3.53
N LEU C 247 32.42 14.74 3.62
CA LEU C 247 32.91 15.65 4.61
C LEU C 247 34.19 16.28 4.09
N GLN C 248 34.45 17.53 4.44
CA GLN C 248 35.77 18.04 4.13
C GLN C 248 36.49 18.51 5.38
N ALA C 249 37.81 18.55 5.32
CA ALA C 249 38.62 19.07 6.43
C ALA C 249 39.56 20.09 5.84
N THR C 250 39.72 21.21 6.55
CA THR C 250 40.52 22.29 5.97
C THR C 250 41.65 22.70 6.87
N LEU C 251 42.69 23.24 6.26
CA LEU C 251 43.84 23.78 6.97
C LEU C 251 44.23 25.06 6.31
N ASP C 252 44.21 26.15 7.08
CA ASP C 252 44.69 27.45 6.62
C ASP C 252 46.18 27.48 6.79
N VAL C 253 46.89 27.92 5.74
CA VAL C 253 48.34 27.96 5.78
C VAL C 253 48.89 29.21 5.13
N GLU C 254 50.09 29.63 5.52
CA GLU C 254 50.76 30.69 4.80
C GLU C 254 51.24 30.14 3.46
N ALA C 255 51.27 31.00 2.44
CA ALA C 255 51.80 30.63 1.13
C ALA C 255 53.22 30.08 1.32
N GLY C 256 53.55 29.02 0.59
CA GLY C 256 54.85 28.37 0.73
C GLY C 256 54.87 27.19 1.69
N GLU C 257 53.95 27.20 2.66
CA GLU C 257 53.84 26.14 3.68
C GLU C 257 53.21 24.85 3.20
N GLU C 258 52.57 24.89 2.03
CA GLU C 258 51.80 23.72 1.54
C GLU C 258 52.71 22.54 1.29
N ALA C 259 53.90 22.79 0.77
CA ALA C 259 54.86 21.73 0.45
C ALA C 259 55.13 20.87 1.68
N GLY C 260 54.93 19.57 1.52
CA GLY C 260 55.17 18.58 2.60
C GLY C 260 53.95 18.14 3.37
N LEU C 261 52.80 18.78 3.07
CA LEU C 261 51.54 18.43 3.72
C LEU C 261 50.74 17.38 2.97
N ALA C 262 50.00 16.57 3.73
CA ALA C 262 49.13 15.56 3.15
C ALA C 262 47.84 15.58 3.95
N CYS C 263 46.78 15.17 3.29
CA CYS C 263 45.54 14.83 3.96
C CYS C 263 45.55 13.31 4.16
N ARG C 264 45.17 12.87 5.37
CA ARG C 264 45.14 11.45 5.65
C ARG C 264 43.73 11.09 6.11
N VAL C 265 43.15 10.05 5.54
CA VAL C 265 41.84 9.61 5.98
C VAL C 265 41.84 8.15 6.45
N LYS C 266 41.29 7.95 7.66
CA LYS C 266 41.11 6.62 8.28
C LYS C 266 39.61 6.34 8.27
N HIS C 267 39.22 5.15 7.78
CA HIS C 267 37.81 4.75 7.76
C HIS C 267 37.72 3.24 7.82
N SER C 268 36.72 2.75 8.54
CA SER C 268 36.51 1.32 8.75
C SER C 268 36.55 0.50 7.47
N SER C 269 36.05 1.03 6.36
CA SER C 269 36.04 0.31 5.08
C SER C 269 37.44 0.07 4.53
N LEU C 270 38.44 0.80 5.02
CA LEU C 270 39.80 0.75 4.39
C LEU C 270 40.68 -0.41 4.83
N GLY C 271 40.26 -1.08 5.89
CA GLY C 271 41.01 -2.16 6.51
C GLY C 271 42.41 -1.75 6.95
N GLY C 272 42.52 -0.60 7.59
CA GLY C 272 43.81 -0.09 8.03
C GLY C 272 44.64 0.56 6.93
N GLN C 273 44.14 0.59 5.71
CA GLN C 273 44.93 1.18 4.62
C GLN C 273 44.50 2.61 4.34
N ASP C 274 45.02 3.54 5.15
CA ASP C 274 44.62 4.95 5.10
C ASP C 274 44.82 5.54 3.72
N ILE C 275 43.97 6.47 3.33
CA ILE C 275 44.21 7.26 2.13
C ILE C 275 45.16 8.37 2.55
N ILE C 276 46.27 8.52 1.84
CA ILE C 276 47.21 9.61 2.05
C ILE C 276 47.48 10.30 0.74
N LEU C 277 47.15 11.59 0.70
CA LEU C 277 47.26 12.44 -0.50
C LEU C 277 48.13 13.61 -0.12
N TYR C 278 49.25 13.73 -0.80
CA TYR C 278 50.21 14.77 -0.58
C TYR C 278 49.93 15.98 -1.46
N TRP C 279 49.98 17.19 -0.87
CA TRP C 279 49.81 18.40 -1.65
C TRP C 279 50.88 18.47 -2.74
N GLN D 2 10.68 31.44 12.35
CA GLN D 2 11.12 31.52 10.90
C GLN D 2 12.64 31.54 10.74
N LYS D 3 13.19 30.52 10.10
CA LYS D 3 14.64 30.37 10.01
C LYS D 3 15.12 30.33 8.55
N THR D 4 16.28 30.91 8.34
CA THR D 4 16.82 31.15 7.00
C THR D 4 17.53 29.90 6.50
N PRO D 5 17.29 29.46 5.26
CA PRO D 5 18.00 28.28 4.76
C PRO D 5 19.49 28.55 4.48
N GLN D 6 20.30 27.55 4.84
CA GLN D 6 21.75 27.52 4.54
C GLN D 6 21.94 26.56 3.40
N ILE D 7 22.89 26.86 2.51
CA ILE D 7 23.04 26.10 1.27
C ILE D 7 24.48 25.69 1.10
N GLN D 8 24.68 24.42 0.73
CA GLN D 8 26.03 23.91 0.50
C GLN D 8 25.96 23.14 -0.81
N VAL D 9 26.90 23.40 -1.72
CA VAL D 9 26.89 22.79 -3.07
C VAL D 9 28.20 22.02 -3.25
N TYR D 10 28.13 20.75 -3.62
CA TYR D 10 29.32 19.86 -3.56
C TYR D 10 29.10 18.69 -4.53
N SER D 11 30.18 18.03 -4.94
CA SER D 11 30.18 16.98 -5.94
C SER D 11 30.19 15.63 -5.27
N ARG D 12 29.48 14.68 -5.87
CA ARG D 12 29.51 13.31 -5.35
C ARG D 12 30.91 12.67 -5.50
N HIS D 13 31.52 12.91 -6.66
CA HIS D 13 32.79 12.26 -7.02
C HIS D 13 33.79 13.40 -7.28
N PRO D 14 35.11 13.16 -7.26
CA PRO D 14 36.08 14.23 -7.58
C PRO D 14 35.70 14.94 -8.88
N PRO D 15 35.56 16.26 -8.87
CA PRO D 15 35.14 16.95 -10.09
C PRO D 15 36.32 17.04 -11.05
N GLU D 16 36.26 16.31 -12.16
CA GLU D 16 37.26 16.34 -13.20
C GLU D 16 36.58 16.85 -14.45
N ASN D 17 37.26 17.75 -15.16
CA ASN D 17 36.66 18.40 -16.32
C ASN D 17 36.28 17.38 -17.37
N GLY D 18 35.05 17.45 -17.85
CA GLY D 18 34.58 16.57 -18.90
C GLY D 18 34.03 15.21 -18.47
N LYS D 19 34.08 14.89 -17.16
CA LYS D 19 33.61 13.59 -16.67
C LYS D 19 32.27 13.73 -15.96
N PRO D 20 31.24 13.04 -16.46
CA PRO D 20 29.94 13.00 -15.77
C PRO D 20 30.07 12.69 -14.30
N ASN D 21 29.22 13.35 -13.52
CA ASN D 21 29.31 13.42 -12.06
C ASN D 21 27.89 13.78 -11.55
N ILE D 22 27.75 13.97 -10.26
CA ILE D 22 26.50 14.42 -9.64
C ILE D 22 26.85 15.60 -8.75
N LEU D 23 26.08 16.69 -8.92
CA LEU D 23 26.15 17.86 -8.06
C LEU D 23 25.03 17.85 -7.00
N ASN D 24 25.39 18.13 -5.77
CA ASN D 24 24.48 18.12 -4.68
C ASN D 24 24.28 19.51 -4.17
N CYS D 25 23.03 19.80 -3.82
CA CYS D 25 22.74 21.06 -3.12
C CYS D 25 21.97 20.68 -1.87
N TYR D 26 22.57 20.98 -0.72
CA TYR D 26 22.02 20.51 0.55
C TYR D 26 21.55 21.76 1.28
N VAL D 27 20.26 21.79 1.53
CA VAL D 27 19.60 23.01 2.09
C VAL D 27 19.12 22.70 3.50
N THR D 28 19.53 23.51 4.47
CA THR D 28 19.30 23.13 5.85
C THR D 28 18.91 24.36 6.67
N GLN D 29 18.42 24.06 7.86
CA GLN D 29 18.24 25.02 8.93
C GLN D 29 17.06 25.94 8.69
N PHE D 30 16.14 25.54 7.80
CA PHE D 30 15.02 26.45 7.52
C PHE D 30 13.68 26.10 8.21
N HIS D 31 12.83 27.10 8.37
CA HIS D 31 11.48 26.88 8.87
C HIS D 31 10.70 28.11 8.41
N PRO D 32 9.49 27.98 7.84
CA PRO D 32 8.69 26.78 7.74
C PRO D 32 9.15 25.87 6.60
N PRO D 33 8.60 24.66 6.49
CA PRO D 33 9.11 23.67 5.50
C PRO D 33 8.94 24.04 4.00
N HIS D 34 8.05 24.96 3.67
CA HIS D 34 7.78 25.29 2.28
C HIS D 34 8.94 26.03 1.64
N ILE D 35 9.44 25.49 0.53
CA ILE D 35 10.69 25.97 -0.08
C ILE D 35 10.71 25.65 -1.56
N GLU D 36 11.40 26.50 -2.31
CA GLU D 36 11.58 26.27 -3.74
C GLU D 36 13.08 26.26 -3.96
N ILE D 37 13.60 25.17 -4.52
CA ILE D 37 15.03 24.95 -4.78
C ILE D 37 15.19 24.72 -6.28
N GLN D 38 16.09 25.49 -6.91
CA GLN D 38 16.45 25.28 -8.31
C GLN D 38 17.97 25.09 -8.35
N MET D 39 18.42 24.24 -9.25
CA MET D 39 19.83 24.19 -9.57
C MET D 39 20.02 24.78 -10.95
N LEU D 40 21.11 25.52 -11.11
CA LEU D 40 21.31 26.26 -12.32
C LEU D 40 22.62 25.89 -12.99
N LYS D 41 22.60 25.88 -14.30
CA LYS D 41 23.80 25.75 -15.12
C LYS D 41 23.83 27.00 -16.00
N ASN D 42 24.92 27.76 -15.87
CA ASN D 42 25.08 29.03 -16.56
C ASN D 42 23.84 29.90 -16.40
N GLY D 43 23.22 29.83 -15.22
CA GLY D 43 22.13 30.72 -14.85
C GLY D 43 20.76 30.25 -15.32
N LYS D 44 20.71 29.12 -16.00
CA LYS D 44 19.47 28.60 -16.53
C LYS D 44 19.05 27.42 -15.67
N LYS D 45 17.76 27.33 -15.36
CA LYS D 45 17.25 26.23 -14.53
C LYS D 45 17.62 24.87 -15.14
N ILE D 46 18.15 23.95 -14.34
CA ILE D 46 18.40 22.58 -14.80
C ILE D 46 17.09 21.78 -14.64
N PRO D 47 16.57 21.24 -15.74
CA PRO D 47 15.23 20.65 -15.78
C PRO D 47 15.01 19.43 -14.89
N LYS D 48 15.96 18.52 -14.77
CA LYS D 48 15.54 17.25 -14.14
C LYS D 48 16.01 16.97 -12.72
N VAL D 49 16.20 18.04 -11.96
CA VAL D 49 16.69 17.97 -10.56
C VAL D 49 15.85 17.07 -9.64
N GLU D 50 16.52 16.16 -8.90
CA GLU D 50 15.83 15.22 -7.98
C GLU D 50 15.99 15.70 -6.57
N MET D 51 14.96 15.50 -5.73
CA MET D 51 15.00 15.95 -4.33
C MET D 51 14.73 14.76 -3.47
N SER D 52 15.43 14.72 -2.33
CA SER D 52 15.15 13.74 -1.28
C SER D 52 13.85 14.16 -0.63
N ASP D 53 13.25 13.24 0.13
CA ASP D 53 12.13 13.63 0.95
C ASP D 53 12.59 14.64 1.96
N MET D 54 11.75 15.65 2.20
CA MET D 54 12.14 16.59 3.24
C MET D 54 12.07 15.95 4.60
N SER D 55 12.96 16.38 5.51
CA SER D 55 12.98 15.78 6.81
C SER D 55 13.39 16.86 7.78
N PHE D 56 13.58 16.53 9.05
CA PHE D 56 14.03 17.58 9.98
C PHE D 56 14.95 17.02 11.04
N SER D 57 15.70 17.93 11.68
CA SER D 57 16.75 17.57 12.58
C SER D 57 16.29 17.67 14.02
N LYS D 58 17.16 17.27 14.95
CA LYS D 58 16.81 17.29 16.37
C LYS D 58 16.30 18.63 16.83
N ASP D 59 16.84 19.71 16.26
CA ASP D 59 16.46 21.06 16.69
C ASP D 59 15.18 21.52 15.95
N TRP D 60 14.55 20.58 15.24
CA TRP D 60 13.29 20.83 14.57
C TRP D 60 13.45 21.55 13.24
N SER D 61 14.66 21.99 12.89
CA SER D 61 14.78 22.68 11.59
C SER D 61 14.78 21.68 10.44
N PHE D 62 14.31 22.13 9.30
CA PHE D 62 14.18 21.24 8.18
C PHE D 62 15.44 21.12 7.32
N TYR D 63 15.53 20.07 6.52
CA TYR D 63 16.60 19.97 5.54
C TYR D 63 16.13 19.14 4.38
N ILE D 64 16.82 19.28 3.26
CA ILE D 64 16.49 18.55 2.05
C ILE D 64 17.72 18.50 1.16
N LEU D 65 17.90 17.40 0.45
CA LEU D 65 18.97 17.33 -0.53
C LEU D 65 18.42 17.39 -1.93
N ALA D 66 18.91 18.31 -2.75
CA ALA D 66 18.61 18.28 -4.19
C ALA D 66 19.90 17.80 -4.90
N HIS D 67 19.75 17.19 -6.06
CA HIS D 67 20.91 16.69 -6.82
C HIS D 67 20.56 16.52 -8.29
N THR D 68 21.58 16.70 -9.11
CA THR D 68 21.43 16.53 -10.53
C THR D 68 22.74 15.99 -11.12
N GLU D 69 22.58 15.24 -12.22
CA GLU D 69 23.73 14.79 -13.04
C GLU D 69 24.39 16.05 -13.58
N PHE D 70 25.71 16.09 -13.63
CA PHE D 70 26.43 17.21 -14.30
C PHE D 70 27.78 16.78 -14.81
N THR D 71 28.29 17.51 -15.80
CA THR D 71 29.68 17.31 -16.18
C THR D 71 30.38 18.64 -16.23
N PRO D 72 31.09 18.92 -15.14
CA PRO D 72 31.81 20.18 -14.98
C PRO D 72 32.76 20.39 -16.13
N THR D 73 32.91 21.63 -16.56
CA THR D 73 33.93 21.95 -17.55
C THR D 73 34.47 23.33 -17.20
N GLU D 74 35.51 23.72 -17.90
CA GLU D 74 36.11 25.02 -17.70
C GLU D 74 35.25 26.17 -18.27
N THR D 75 34.11 25.84 -18.88
CA THR D 75 33.25 26.90 -19.39
C THR D 75 31.89 27.01 -18.74
N ASP D 76 31.58 26.17 -17.77
CA ASP D 76 30.23 26.18 -17.20
C ASP D 76 30.24 26.50 -15.74
N THR D 77 29.26 27.31 -15.34
CA THR D 77 29.06 27.59 -13.93
C THR D 77 27.80 26.85 -13.49
N TYR D 78 27.74 26.57 -12.19
CA TYR D 78 26.65 25.84 -11.59
C TYR D 78 26.29 26.54 -10.29
N ALA D 79 24.99 26.59 -10.00
CA ALA D 79 24.54 27.20 -8.77
C ALA D 79 23.27 26.54 -8.24
N CYS D 80 22.95 26.88 -7.00
CA CYS D 80 21.70 26.45 -6.37
C CYS D 80 21.02 27.69 -5.82
N ARG D 81 19.77 27.87 -6.24
CA ARG D 81 18.98 29.06 -5.95
C ARG D 81 17.78 28.64 -5.13
N VAL D 82 17.58 29.34 -4.02
CA VAL D 82 16.56 28.98 -3.02
C VAL D 82 15.67 30.18 -2.68
N LYS D 83 14.36 29.94 -2.71
CA LYS D 83 13.32 30.94 -2.36
C LYS D 83 12.56 30.48 -1.09
N HIS D 84 12.47 31.38 -0.11
CA HIS D 84 11.93 30.99 1.20
C HIS D 84 11.35 32.18 1.93
N ALA D 85 10.22 31.95 2.62
CA ALA D 85 9.48 33.05 3.21
C ALA D 85 10.35 33.85 4.16
N SER D 86 11.42 33.25 4.66
CA SER D 86 12.33 33.94 5.60
C SER D 86 13.23 34.97 4.92
N MET D 87 13.17 35.06 3.59
CA MET D 87 14.06 35.94 2.82
C MET D 87 13.30 36.78 1.83
N ALA D 88 13.61 38.07 1.79
CA ALA D 88 13.01 38.99 0.82
C ALA D 88 13.25 38.62 -0.64
N GLU D 89 14.43 38.06 -0.98
CA GLU D 89 14.77 37.66 -2.35
C GLU D 89 15.46 36.32 -2.34
N PRO D 90 15.51 35.64 -3.49
CA PRO D 90 16.10 34.31 -3.53
C PRO D 90 17.56 34.42 -3.14
N LYS D 91 18.11 33.33 -2.60
CA LYS D 91 19.52 33.25 -2.28
C LYS D 91 20.14 32.24 -3.24
N THR D 92 21.19 32.65 -3.91
CA THR D 92 21.91 31.77 -4.79
C THR D 92 23.31 31.60 -4.22
N VAL D 93 23.74 30.34 -4.16
CA VAL D 93 25.16 30.03 -3.98
C VAL D 93 25.72 29.25 -5.17
N TYR D 94 26.87 29.72 -5.66
CA TYR D 94 27.53 29.10 -6.80
C TYR D 94 28.42 28.02 -6.30
N TRP D 95 28.44 26.92 -7.02
CA TRP D 95 29.42 25.89 -6.79
C TRP D 95 30.82 26.54 -6.91
N ASP D 96 31.69 26.29 -5.94
CA ASP D 96 33.01 26.96 -5.93
C ASP D 96 33.99 26.28 -6.87
N ARG D 97 33.47 25.29 -7.61
CA ARG D 97 34.24 24.52 -8.62
C ARG D 97 35.30 23.59 -7.99
N ASP D 98 35.29 23.46 -6.66
CA ASP D 98 36.25 22.66 -5.91
C ASP D 98 35.51 21.54 -5.16
N MET D 99 34.39 21.92 -4.54
CA MET D 99 33.63 21.00 -3.66
C MET D 99 33.01 19.88 -4.45
C1 NAG E . 4.92 2.02 29.04
C2 NAG E . 3.87 1.49 30.04
C3 NAG E . 3.50 2.56 31.08
C4 NAG E . 4.79 3.12 31.72
C5 NAG E . 5.86 3.48 30.65
C6 NAG E . 7.24 3.80 31.26
C7 NAG E . 2.54 -0.18 28.88
C8 NAG E . 1.21 -0.56 28.30
N2 NAG E . 2.68 1.06 29.31
O3 NAG E . 2.58 2.00 32.03
O4 NAG E . 4.51 4.29 32.45
O5 NAG E . 6.04 2.37 29.82
O6 NAG E . 8.00 4.62 30.36
O7 NAG E . 3.46 -0.98 28.99
C1 NAG E . 4.41 4.05 33.86
C2 NAG E . 4.32 5.40 34.58
C3 NAG E . 3.94 5.25 36.06
C4 NAG E . 2.80 4.26 36.31
C5 NAG E . 2.92 2.98 35.45
C6 NAG E . 1.59 2.23 35.38
C7 NAG E . 5.68 7.29 33.95
C8 NAG E . 7.01 7.74 33.42
N2 NAG E . 5.61 6.08 34.47
O3 NAG E . 3.49 6.51 36.56
O4 NAG E . 2.73 3.94 37.70
O5 NAG E . 3.25 3.27 34.10
O6 NAG E . 1.75 0.97 36.00
O7 NAG E . 4.70 8.02 33.91
C1 NAG F . -41.90 -3.84 -15.20
C2 NAG F . -42.70 -3.29 -16.40
C3 NAG F . -41.93 -2.96 -17.69
C4 NAG F . -40.43 -3.28 -17.74
C5 NAG F . -39.81 -3.88 -16.47
C6 NAG F . -38.41 -3.32 -16.31
C7 NAG F . -44.97 -3.79 -17.20
C8 NAG F . -45.31 -3.93 -18.67
N2 NAG F . -43.76 -4.21 -16.78
O3 NAG F . -42.13 -1.60 -18.03
O4 NAG F . -40.20 -4.12 -18.84
O5 NAG F . -40.52 -3.53 -15.29
O6 NAG F . -37.54 -4.35 -15.93
O7 NAG F . -45.78 -3.30 -16.42
C1 NAG G . -38.94 -15.76 -14.07
C2 NAG G . -39.72 -14.94 -15.12
C3 NAG G . -41.20 -14.86 -14.77
C4 NAG G . -41.71 -16.28 -14.61
C5 NAG G . -40.85 -16.95 -13.52
C6 NAG G . -41.34 -18.35 -13.16
C7 NAG G . -38.68 -13.16 -16.33
C8 NAG G . -38.24 -11.73 -16.29
N2 NAG G . -39.21 -13.61 -15.22
O3 NAG G . -41.97 -14.19 -15.76
O4 NAG G . -43.06 -16.21 -14.25
O5 NAG G . -39.53 -17.05 -14.04
O6 NAG G . -41.52 -19.02 -14.37
O7 NAG G . -38.59 -13.81 -17.38
C1 NAG H . -31.55 -26.78 14.25
C2 NAG H . -32.60 -27.37 15.21
C3 NAG H . -33.07 -26.30 16.21
C4 NAG H . -31.88 -25.62 16.89
C5 NAG H . -30.85 -25.13 15.88
C6 NAG H . -29.59 -24.69 16.65
C7 NAG H . -33.78 -29.34 14.19
C8 NAG H . -35.06 -29.83 13.55
N2 NAG H . -33.72 -28.04 14.50
O3 NAG H . -33.91 -26.86 17.22
O4 NAG H . -32.23 -24.55 17.76
O5 NAG H . -30.50 -26.17 15.01
O6 NAG H . -28.65 -24.26 15.66
O7 NAG H . -32.83 -30.12 14.39
C17 CIS I . -41.08 -6.75 2.36
C16 CIS I . -40.27 -7.91 2.96
C15 CIS I . -38.85 -7.97 2.37
C14 CIS I . -37.84 -8.67 3.27
C13 CIS I . -38.13 -10.18 3.36
C12 CIS I . -36.97 -10.99 3.89
C11 CIS I . -37.45 -12.42 4.06
C10 CIS I . -36.40 -13.51 3.87
C9 CIS I . -36.86 -14.52 2.81
C8 CIS I . -37.78 -15.59 3.37
C7 CIS I . -37.72 -16.86 2.52
C6 CIS I . -38.76 -17.88 2.99
C5 CIS I . -39.97 -17.71 2.12
C4 CIS I . -41.05 -18.53 2.44
C3 CIS I . -41.54 -19.38 1.46
C2 CIS I . -42.75 -20.25 1.78
O1 CIS I . -43.89 -19.69 1.14
C1 CIS I . -42.58 -21.69 1.27
C CIS I . -43.89 -22.44 1.27
O CIS I . -44.44 -22.28 2.57
C43 CIS I . -45.36 -23.35 2.69
C44 CIS I . -45.52 -23.91 4.13
O3 CIS I . -44.28 -24.57 4.52
O6 CIS I . -46.60 -22.85 2.09
C47 CIS I . -47.65 -23.87 2.02
C48 CIS I . -48.84 -23.31 1.19
O7 CIS I . -48.37 -22.61 0.02
C46 CIS I . -47.97 -24.22 3.49
O5 CIS I . -48.34 -22.99 4.20
C45 CIS I . -46.73 -24.89 4.18
O4 CIS I . -47.03 -25.33 5.55
S CIS I . -47.30 -26.77 5.81
O10 CIS I . -46.04 -27.52 5.72
O9 CIS I . -47.94 -26.89 7.17
O8 CIS I . -48.27 -27.35 4.81
N CIS I . -41.61 -22.37 2.13
C18 CIS I . -40.71 -23.21 1.60
O2 CIS I . -40.64 -23.47 0.40
C19 CIS I . -39.74 -23.83 2.62
C20 CIS I . -38.31 -23.80 2.09
C21 CIS I . -37.58 -22.51 2.49
C22 CIS I . -36.21 -22.51 1.80
C23 CIS I . -35.40 -21.21 1.98
C24 CIS I . -33.90 -21.49 1.78
C25 CIS I . -33.45 -21.01 0.40
C26 CIS I . -32.22 -21.77 -0.15
C27 CIS I . -31.54 -21.04 -1.36
C28 CIS I . -32.17 -21.45 -2.72
C29 CIS I . -31.12 -21.61 -3.83
C30 CIS I . -31.40 -22.78 -4.79
C31 CIS I . -30.60 -24.03 -4.36
C32 CIS I . -30.23 -24.88 -5.41
C33 CIS I . -29.54 -26.06 -5.13
C34 CIS I . -29.23 -26.31 -3.80
C35 CIS I . -28.93 -27.77 -3.52
C36 CIS I . -28.35 -27.93 -2.11
C37 CIS I . -29.36 -28.25 -1.01
C38 CIS I . -28.71 -28.07 0.36
C39 CIS I . -29.65 -27.36 1.32
C40 CIS I . -29.07 -26.09 1.97
C41 CIS I . -30.08 -24.93 2.06
C1 NAG J . -5.00 28.34 1.23
C2 NAG J . -5.42 29.43 0.27
C3 NAG J . -4.94 29.11 -1.13
C4 NAG J . -3.53 28.55 -1.18
C5 NAG J . -3.22 27.57 -0.04
C6 NAG J . -1.74 27.20 0.04
C7 NAG J . -7.52 30.68 0.59
C8 NAG J . -9.00 30.63 0.33
N2 NAG J . -6.86 29.55 0.31
O3 NAG J . -4.94 30.32 -1.85
O4 NAG J . -3.41 27.87 -2.39
O5 NAG J . -3.62 28.15 1.19
O6 NAG J . -0.98 28.32 0.44
O7 NAG J . -6.97 31.71 1.02
C1 NAG K . -3.54 15.78 1.87
C2 NAG K . -4.22 16.79 0.92
C3 NAG K . -5.69 17.00 1.32
C4 NAG K . -6.41 15.66 1.54
C5 NAG K . -5.59 14.76 2.46
C6 NAG K . -6.22 13.40 2.69
C7 NAG K . -3.03 18.61 -0.13
C8 NAG K . -2.35 19.94 -0.07
N2 NAG K . -3.55 18.09 0.99
O3 NAG K . -6.40 17.76 0.38
O4 NAG K . -7.69 15.89 2.13
O5 NAG K . -4.32 14.61 1.89
O6 NAG K . -6.65 12.84 1.45
O7 NAG K . -3.11 18.04 -1.23
C17 CIS L . -1.97 24.21 16.96
C16 CIS L . -1.78 22.76 17.40
C15 CIS L . -0.38 22.48 17.95
C14 CIS L . -0.51 21.75 19.29
C13 CIS L . 0.18 20.42 19.33
C12 CIS L . -0.76 19.22 19.40
C11 CIS L . -0.11 18.17 20.28
C10 CIS L . -0.94 16.94 20.52
C9 CIS L . -0.58 15.83 19.53
C8 CIS L . -1.84 15.05 19.22
C7 CIS L . -1.53 13.61 18.78
C6 CIS L . -2.67 12.67 19.22
C5 CIS L . -3.66 12.51 18.10
C4 CIS L . -4.85 11.96 18.53
C3 CIS L . -5.57 11.29 17.56
C2 CIS L . -6.88 10.68 17.98
O1 CIS L . -7.92 11.50 17.46
C1 CIS L . -6.98 9.25 17.40
C CIS L . -8.42 8.72 17.38
O CIS L . -8.78 8.76 18.75
C43 CIS L . -9.98 7.99 18.97
C44 CIS L . -10.40 7.92 20.48
O3 CIS L . -9.39 7.46 21.36
O6 CIS L . -11.10 8.55 18.19
C47 CIS L . -12.41 7.82 18.40
C48 CIS L . -13.53 8.43 17.51
O7 CIS L . -12.99 9.54 16.76
C46 CIS L . -12.75 7.73 19.91
O5 CIS L . -12.79 9.06 20.46
C45 CIS L . -11.58 6.96 20.55
O4 CIS L . -11.70 6.32 21.87
S CIS L . -12.50 6.72 23.04
O10 CIS L . -13.87 6.32 22.82
O9 CIS L . -11.95 6.05 24.27
O8 CIS L . -12.44 8.21 23.28
N CIS L . -6.09 8.36 18.18
C18 CIS L . -5.29 7.50 17.56
O2 CIS L . -5.27 7.38 16.34
C19 CIS L . -4.39 6.65 18.48
C20 CIS L . -2.95 6.50 17.93
C21 CIS L . -2.07 7.74 18.14
C22 CIS L . -0.80 7.65 17.29
C23 CIS L . 0.13 8.86 17.43
C24 CIS L . 1.57 8.40 17.18
C25 CIS L . 2.12 8.98 15.89
C26 CIS L . 3.44 8.28 15.49
C27 CIS L . 4.15 8.97 14.28
C28 CIS L . 3.38 8.81 12.94
C29 CIS L . 4.26 9.04 11.70
C30 CIS L . 3.74 8.28 10.45
C31 CIS L . 4.07 6.78 10.55
C32 CIS L . 4.64 6.26 9.39
C33 CIS L . 5.17 4.96 9.34
C34 CIS L . 5.13 4.13 10.45
C35 CIS L . 6.30 3.19 10.49
C36 CIS L . 6.16 2.12 11.56
C37 CIS L . 6.23 2.65 12.99
C38 CIS L . 5.92 1.53 13.98
C39 CIS L . 6.48 1.82 15.38
C40 CIS L . 5.63 2.76 16.22
C41 CIS L . 6.43 4.00 16.61
#